data_5CKV
#
_entry.id   5CKV
#
_cell.length_a   204.760
_cell.length_b   204.760
_cell.length_c   66.774
_cell.angle_alpha   90.00
_cell.angle_beta   90.00
_cell.angle_gamma   120.00
#
_symmetry.space_group_name_H-M   'P 32 2 1'
#
loop_
_entity.id
_entity.type
_entity.pdbx_description
1 polymer 'Phospho-2-dehydro-3-deoxyheptonate aldolase AroG'
2 non-polymer 'CHLORIDE ION'
3 non-polymer 'SULFATE ION'
4 non-polymer GLYCEROL
5 non-polymer TRYPTOPHAN
6 non-polymer 'MANGANESE (II) ION'
7 non-polymer PHENYLALANINE
8 non-polymer TYROSINE
9 water water
#
_entity_poly.entity_id   1
_entity_poly.type   'polypeptide(L)'
_entity_poly.pdbx_seq_one_letter_code
;MHHHHHHSSGMNWTVDIPIDQLPSLPPLPTDLRTRLDAALAKPAAQQPTWPADQALAMRTVLESVPPVTVPSEIVRLQEQ
LAQVAKGEAFLLQGGDCAETFMDNTEPHIRGNVRALLQMAVVLTYGASMPVVKVARIAGQYAKPRSADIDALGLRSYRGD
MINGFAPDAAAREHDPSRLVRAYANASAAMNLVRALTSSGLASLHLVHDWNREFVRTSPAGARYEALATEIDRGLRFMSA
CGVADRNLQTAEIYASHEALVLDYERAMLRLSDGDDGEPQLFDLSAHTVWIGERTRQIDGAHIAFAQVIANPVGVKLGPN
MTPELAVEYVERLDPHNKPGRLTLVSRMGNHKVRDLLPPIVEKVQATGHQVIWQCDPMHGNTHESSTGFKTRHFDRIVDE
VQGFFEVHRALGTHPGGIHVEITGENVTECLGGAQDISETDLAGRYETACDPRLNTQQSLELAFLVAEMLRD
;
_entity_poly.pdbx_strand_id   A,B
#
# COMPACT_ATOMS: atom_id res chain seq x y z
N TRP A 13 -17.45 -5.36 -23.48
CA TRP A 13 -17.67 -5.62 -22.06
C TRP A 13 -16.87 -4.64 -21.22
N THR A 14 -17.41 -3.42 -21.10
CA THR A 14 -16.67 -2.29 -20.55
C THR A 14 -17.62 -1.40 -19.77
N VAL A 15 -17.09 -0.76 -18.72
CA VAL A 15 -17.83 0.24 -17.96
C VAL A 15 -16.86 1.35 -17.56
N ASP A 16 -17.39 2.56 -17.49
CA ASP A 16 -16.58 3.78 -17.42
C ASP A 16 -16.60 4.39 -16.03
N ILE A 17 -15.56 5.14 -15.72
CA ILE A 17 -15.30 5.59 -14.35
C ILE A 17 -14.87 7.07 -14.37
N PRO A 18 -15.76 8.00 -13.98
CA PRO A 18 -15.42 9.43 -13.98
C PRO A 18 -14.21 9.86 -13.16
N ILE A 19 -13.95 11.17 -13.15
CA ILE A 19 -12.79 11.74 -12.48
C ILE A 19 -13.16 13.05 -11.77
N PRO A 23 -9.04 18.52 -6.88
CA PRO A 23 -8.41 19.68 -6.26
C PRO A 23 -7.13 20.05 -6.98
N SER A 24 -6.60 21.24 -6.72
CA SER A 24 -5.24 21.56 -7.13
C SER A 24 -4.49 22.10 -5.93
N LEU A 25 -3.26 21.61 -5.76
CA LEU A 25 -2.42 21.91 -4.61
C LEU A 25 -1.30 22.82 -5.12
N PRO A 26 -0.26 23.10 -4.33
CA PRO A 26 0.85 23.88 -4.87
C PRO A 26 1.43 23.21 -6.10
N PRO A 27 1.88 23.98 -7.07
CA PRO A 27 2.71 23.42 -8.13
C PRO A 27 4.16 23.35 -7.67
N LEU A 28 4.97 22.61 -8.43
CA LEU A 28 6.37 22.56 -8.11
C LEU A 28 6.95 23.97 -8.07
N PRO A 29 8.04 24.18 -7.34
CA PRO A 29 8.65 25.51 -7.31
C PRO A 29 9.01 25.97 -8.72
N THR A 30 8.88 27.28 -8.94
CA THR A 30 9.06 27.80 -10.29
C THR A 30 10.44 27.47 -10.85
N ASP A 31 11.49 27.53 -10.02
CA ASP A 31 12.84 27.33 -10.54
C ASP A 31 13.03 25.88 -11.01
N LEU A 32 12.46 24.91 -10.29
CA LEU A 32 12.54 23.53 -10.74
C LEU A 32 11.62 23.29 -11.93
N ARG A 33 10.43 23.87 -11.93
CA ARG A 33 9.58 23.77 -13.11
C ARG A 33 10.33 24.28 -14.34
N THR A 34 11.13 25.32 -14.16
CA THR A 34 11.92 25.89 -15.26
C THR A 34 12.99 24.92 -15.74
N ARG A 35 13.84 24.44 -14.83
CA ARG A 35 14.83 23.43 -15.21
C ARG A 35 14.16 22.24 -15.89
N LEU A 36 12.99 21.85 -15.40
CA LEU A 36 12.32 20.65 -15.90
C LEU A 36 11.80 20.87 -17.31
N ASP A 37 11.05 21.96 -17.52
CA ASP A 37 10.60 22.30 -18.87
C ASP A 37 11.78 22.30 -19.82
N ALA A 38 12.89 22.92 -19.42
CA ALA A 38 14.06 22.93 -20.28
C ALA A 38 14.53 21.52 -20.61
N ALA A 39 14.53 20.62 -19.62
CA ALA A 39 15.02 19.27 -19.88
C ALA A 39 14.07 18.47 -20.77
N LEU A 40 12.75 18.64 -20.59
CA LEU A 40 11.78 17.87 -21.35
C LEU A 40 11.57 18.40 -22.76
N ALA A 41 12.16 19.53 -23.11
CA ALA A 41 12.08 20.01 -24.48
C ALA A 41 12.97 19.23 -25.42
N LYS A 42 13.87 18.39 -24.88
CA LYS A 42 14.66 17.53 -25.72
C LYS A 42 13.74 16.51 -26.39
N PRO A 43 14.16 15.95 -27.52
CA PRO A 43 13.30 14.97 -28.19
C PRO A 43 13.27 13.67 -27.41
N ALA A 44 12.12 13.02 -27.46
CA ALA A 44 11.89 11.80 -26.71
C ALA A 44 11.51 10.67 -27.66
N ALA A 45 12.19 9.54 -27.54
CA ALA A 45 11.88 8.37 -28.33
C ALA A 45 10.64 7.67 -27.80
N GLN A 46 10.03 6.86 -28.65
CA GLN A 46 9.05 5.86 -28.24
C GLN A 46 7.90 6.46 -27.43
N GLN A 47 7.48 7.70 -27.71
CA GLN A 47 6.37 8.22 -26.95
C GLN A 47 5.03 7.91 -27.61
N PRO A 48 3.94 7.87 -26.84
CA PRO A 48 2.63 7.61 -27.43
C PRO A 48 2.15 8.75 -28.30
N THR A 49 1.41 8.39 -29.36
CA THR A 49 0.84 9.36 -30.28
C THR A 49 -0.61 9.66 -29.88
N TRP A 50 -0.78 10.31 -28.75
CA TRP A 50 -2.09 10.75 -28.29
C TRP A 50 -2.12 12.26 -28.14
N PRO A 51 -3.30 12.88 -28.18
CA PRO A 51 -3.36 14.34 -28.21
C PRO A 51 -2.87 14.94 -26.89
N ALA A 52 -2.37 16.18 -27.00
CA ALA A 52 -1.62 16.80 -25.91
C ALA A 52 -2.50 17.49 -24.89
N ASP A 53 -3.72 17.89 -25.26
CA ASP A 53 -4.63 18.44 -24.26
C ASP A 53 -5.15 17.33 -23.35
N GLN A 54 -5.63 16.23 -23.95
CA GLN A 54 -5.99 15.04 -23.16
C GLN A 54 -4.85 14.65 -22.23
N ALA A 55 -3.64 14.53 -22.76
CA ALA A 55 -2.50 14.14 -21.95
C ALA A 55 -2.29 15.12 -20.81
N LEU A 56 -2.31 16.42 -21.11
CA LEU A 56 -2.16 17.40 -20.04
C LEU A 56 -3.20 17.18 -18.96
N ALA A 57 -4.44 16.89 -19.35
CA ALA A 57 -5.50 16.66 -18.37
C ALA A 57 -5.12 15.52 -17.44
N MET A 58 -4.82 14.34 -18.01
CA MET A 58 -4.48 13.21 -17.16
C MET A 58 -3.28 13.51 -16.26
N ARG A 59 -2.26 14.17 -16.81
CA ARG A 59 -1.15 14.59 -15.96
C ARG A 59 -1.64 15.46 -14.81
N THR A 60 -2.57 16.36 -15.08
CA THR A 60 -3.10 17.22 -14.02
C THR A 60 -3.76 16.38 -12.93
N VAL A 61 -4.38 15.27 -13.31
CA VAL A 61 -4.93 14.36 -12.31
C VAL A 61 -3.80 13.77 -11.47
N LEU A 62 -2.81 13.16 -12.13
CA LEU A 62 -1.74 12.50 -11.38
C LEU A 62 -0.94 13.45 -10.52
N GLU A 63 -0.91 14.74 -10.86
CA GLU A 63 -0.08 15.65 -10.11
C GLU A 63 -0.53 15.81 -8.67
N SER A 64 -1.74 15.36 -8.33
CA SER A 64 -2.25 15.52 -6.97
C SER A 64 -2.58 14.21 -6.27
N VAL A 65 -2.44 13.05 -6.91
CA VAL A 65 -2.79 11.77 -6.29
C VAL A 65 -1.76 11.41 -5.24
N PRO A 66 -2.06 10.46 -4.35
CA PRO A 66 -1.04 9.97 -3.41
C PRO A 66 0.05 9.18 -4.12
N PRO A 67 1.31 9.38 -3.75
CA PRO A 67 2.40 8.72 -4.47
C PRO A 67 2.38 7.22 -4.25
N VAL A 68 3.10 6.53 -5.12
CA VAL A 68 3.31 5.09 -4.99
C VAL A 68 4.43 4.80 -3.99
N THR A 69 5.41 5.70 -3.89
CA THR A 69 6.51 5.58 -2.93
C THR A 69 6.74 6.95 -2.30
N VAL A 70 7.48 6.99 -1.20
CA VAL A 70 7.79 8.25 -0.55
C VAL A 70 9.30 8.42 -0.54
N PRO A 71 9.78 9.66 -0.41
CA PRO A 71 11.21 9.91 -0.63
C PRO A 71 12.14 9.20 0.35
N SER A 72 11.78 9.15 1.63
CA SER A 72 12.68 8.54 2.61
C SER A 72 12.99 7.09 2.24
N GLU A 73 12.01 6.38 1.69
CA GLU A 73 12.26 5.03 1.20
C GLU A 73 13.31 5.04 0.09
N ILE A 74 13.26 6.04 -0.78
CA ILE A 74 14.21 6.11 -1.90
C ILE A 74 15.62 6.40 -1.37
N VAL A 75 15.75 7.30 -0.41
CA VAL A 75 17.10 7.57 0.08
C VAL A 75 17.64 6.35 0.84
N ARG A 76 16.75 5.61 1.51
CA ARG A 76 17.15 4.35 2.12
C ARG A 76 17.70 3.40 1.05
N LEU A 77 17.00 3.31 -0.09
CA LEU A 77 17.47 2.45 -1.16
C LEU A 77 18.82 2.92 -1.67
N GLN A 78 18.99 4.23 -1.82
CA GLN A 78 20.28 4.75 -2.25
C GLN A 78 21.39 4.33 -1.30
N GLU A 79 21.10 4.26 0.00
CA GLU A 79 22.11 3.80 0.94
C GLU A 79 22.47 2.33 0.71
N GLN A 80 21.46 1.46 0.63
CA GLN A 80 21.74 0.04 0.40
C GLN A 80 22.49 -0.18 -0.91
N LEU A 81 22.12 0.54 -1.96
CA LEU A 81 22.80 0.42 -3.25
C LEU A 81 24.21 0.97 -3.18
N ALA A 82 24.41 2.04 -2.41
CA ALA A 82 25.76 2.50 -2.14
C ALA A 82 26.59 1.36 -1.58
N GLN A 83 25.99 0.49 -0.78
CA GLN A 83 26.76 -0.67 -0.34
C GLN A 83 26.98 -1.68 -1.46
N VAL A 84 26.04 -1.83 -2.40
CA VAL A 84 26.34 -2.70 -3.54
C VAL A 84 27.58 -2.19 -4.28
N ALA A 85 27.55 -0.92 -4.68
CA ALA A 85 28.64 -0.36 -5.48
C ALA A 85 29.99 -0.59 -4.81
N LYS A 86 30.07 -0.38 -3.50
CA LYS A 86 31.29 -0.56 -2.74
C LYS A 86 31.68 -2.03 -2.58
N GLY A 87 30.93 -2.96 -3.14
CA GLY A 87 31.32 -4.35 -3.17
C GLY A 87 30.83 -5.20 -2.02
N GLU A 88 29.98 -4.66 -1.15
CA GLU A 88 29.59 -5.33 0.08
C GLU A 88 28.13 -5.80 0.07
N ALA A 89 27.45 -5.75 -1.08
CA ALA A 89 26.11 -6.28 -1.21
C ALA A 89 25.87 -6.64 -2.68
N PHE A 90 24.68 -7.16 -2.95
CA PHE A 90 24.37 -7.73 -4.25
C PHE A 90 22.93 -7.38 -4.62
N LEU A 91 22.71 -7.04 -5.88
CA LEU A 91 21.41 -6.58 -6.34
C LEU A 91 20.68 -7.69 -7.06
N LEU A 92 19.42 -7.91 -6.71
CA LEU A 92 18.56 -8.87 -7.41
C LEU A 92 17.33 -8.14 -7.90
N GLN A 93 17.15 -8.10 -9.22
CA GLN A 93 16.06 -7.35 -9.84
C GLN A 93 15.29 -8.28 -10.75
N GLY A 94 13.99 -8.43 -10.50
CA GLY A 94 13.23 -9.41 -11.24
C GLY A 94 11.74 -9.19 -11.16
N GLY A 95 11.05 -9.75 -12.14
CA GLY A 95 9.61 -9.64 -12.23
C GLY A 95 9.16 -9.77 -13.67
N ASP A 96 7.85 -9.55 -13.87
CA ASP A 96 7.25 -9.63 -15.19
C ASP A 96 8.01 -8.76 -16.20
N CYS A 97 8.02 -9.21 -17.45
CA CYS A 97 8.50 -8.35 -18.52
C CYS A 97 7.55 -7.17 -18.72
N ALA A 98 6.26 -7.46 -18.87
CA ALA A 98 5.26 -6.43 -19.08
C ALA A 98 4.05 -6.73 -18.21
N GLU A 99 3.89 -5.98 -17.13
CA GLU A 99 2.71 -6.12 -16.30
C GLU A 99 1.46 -5.77 -17.12
N THR A 100 0.37 -6.51 -16.89
CA THR A 100 -0.91 -6.21 -17.48
C THR A 100 -1.93 -5.89 -16.38
N PHE A 101 -2.90 -5.05 -16.73
CA PHE A 101 -3.98 -4.73 -15.81
C PHE A 101 -4.80 -5.95 -15.45
N MET A 102 -5.05 -6.83 -16.42
CA MET A 102 -5.92 -7.98 -16.17
C MET A 102 -5.23 -9.05 -15.34
N ASP A 103 -3.90 -9.12 -15.35
CA ASP A 103 -3.17 -10.03 -14.47
C ASP A 103 -2.62 -9.34 -13.24
N ASN A 104 -3.15 -8.16 -12.90
CA ASN A 104 -2.78 -7.47 -11.67
C ASN A 104 -3.73 -7.95 -10.56
N THR A 105 -3.50 -9.19 -10.14
CA THR A 105 -4.33 -9.85 -9.17
C THR A 105 -3.50 -10.28 -7.97
N GLU A 106 -4.18 -10.51 -6.85
CA GLU A 106 -3.46 -10.98 -5.66
C GLU A 106 -2.66 -12.24 -5.95
N PRO A 107 -3.22 -13.29 -6.56
CA PRO A 107 -2.40 -14.50 -6.78
C PRO A 107 -1.13 -14.24 -7.57
N HIS A 108 -1.20 -13.40 -8.60
CA HIS A 108 -0.07 -13.20 -9.49
C HIS A 108 1.04 -12.40 -8.81
N ILE A 109 0.67 -11.29 -8.18
CA ILE A 109 1.62 -10.52 -7.38
C ILE A 109 2.22 -11.39 -6.28
N ARG A 110 1.39 -12.18 -5.62
CA ARG A 110 1.86 -13.07 -4.56
C ARG A 110 2.91 -14.03 -5.10
N GLY A 111 2.66 -14.58 -6.30
CA GLY A 111 3.60 -15.53 -6.85
C GLY A 111 4.88 -14.90 -7.32
N ASN A 112 4.82 -13.66 -7.82
CA ASN A 112 6.04 -13.00 -8.28
C ASN A 112 6.89 -12.56 -7.10
N VAL A 113 6.29 -11.93 -6.10
CA VAL A 113 7.01 -11.67 -4.85
C VAL A 113 7.61 -12.96 -4.31
N ARG A 114 6.80 -14.04 -4.27
CA ARG A 114 7.27 -15.33 -3.80
C ARG A 114 8.53 -15.76 -4.55
N ALA A 115 8.46 -15.79 -5.88
CA ALA A 115 9.59 -16.24 -6.67
C ALA A 115 10.83 -15.42 -6.37
N LEU A 116 10.64 -14.11 -6.28
CA LEU A 116 11.78 -13.23 -6.05
C LEU A 116 12.42 -13.53 -4.69
N LEU A 117 11.62 -13.51 -3.63
CA LEU A 117 12.12 -13.87 -2.30
C LEU A 117 12.86 -15.20 -2.32
N GLN A 118 12.31 -16.19 -3.03
CA GLN A 118 12.93 -17.50 -3.08
C GLN A 118 14.33 -17.42 -3.68
N MET A 119 14.49 -16.68 -4.78
CA MET A 119 15.82 -16.45 -5.32
C MET A 119 16.72 -15.74 -4.29
N ALA A 120 16.20 -14.69 -3.67
CA ALA A 120 17.01 -13.86 -2.79
C ALA A 120 17.57 -14.66 -1.61
N VAL A 121 16.83 -15.65 -1.09
CA VAL A 121 17.35 -16.48 0.00
C VAL A 121 18.64 -17.18 -0.44
N VAL A 122 18.58 -17.85 -1.60
CA VAL A 122 19.72 -18.60 -2.10
C VAL A 122 20.89 -17.67 -2.41
N LEU A 123 20.61 -16.54 -3.06
CA LEU A 123 21.68 -15.61 -3.39
C LEU A 123 22.26 -14.95 -2.17
N THR A 124 21.50 -14.83 -1.09
CA THR A 124 22.07 -14.31 0.15
C THR A 124 23.00 -15.33 0.78
N TYR A 125 22.61 -16.61 0.83
CA TYR A 125 23.53 -17.59 1.39
C TYR A 125 24.80 -17.70 0.54
N GLY A 126 24.67 -17.63 -0.78
CA GLY A 126 25.81 -17.79 -1.66
C GLY A 126 26.71 -16.57 -1.77
N ALA A 127 26.11 -15.38 -1.75
CA ALA A 127 26.91 -14.16 -1.79
C ALA A 127 27.58 -13.88 -0.45
N SER A 128 27.00 -14.37 0.64
CA SER A 128 27.50 -14.05 1.97
C SER A 128 27.48 -12.55 2.22
N MET A 129 26.51 -11.87 1.63
CA MET A 129 26.29 -10.45 1.86
C MET A 129 24.83 -10.13 1.55
N PRO A 130 24.31 -9.02 2.08
CA PRO A 130 22.89 -8.70 1.88
C PRO A 130 22.53 -8.65 0.41
N VAL A 131 21.28 -8.96 0.12
CA VAL A 131 20.72 -8.80 -1.22
C VAL A 131 19.69 -7.68 -1.17
N VAL A 132 19.88 -6.67 -2.01
CA VAL A 132 18.87 -5.65 -2.23
C VAL A 132 17.87 -6.21 -3.22
N LYS A 133 16.59 -6.29 -2.83
CA LYS A 133 15.56 -6.99 -3.57
C LYS A 133 14.68 -5.97 -4.28
N VAL A 134 14.77 -5.92 -5.62
CA VAL A 134 14.00 -4.98 -6.44
C VAL A 134 13.11 -5.76 -7.41
N ALA A 135 11.83 -5.41 -7.45
CA ALA A 135 10.84 -6.09 -8.26
C ALA A 135 10.42 -5.22 -9.44
N ARG A 136 10.40 -5.81 -10.64
CA ARG A 136 9.72 -5.19 -11.79
C ARG A 136 8.23 -5.30 -11.53
N ILE A 137 7.64 -4.23 -11.02
CA ILE A 137 6.27 -4.27 -10.51
C ILE A 137 5.77 -2.85 -10.28
N ALA A 138 4.45 -2.72 -10.10
CA ALA A 138 3.80 -1.43 -9.85
C ALA A 138 4.34 -0.31 -10.74
N GLY A 139 4.10 -0.41 -12.05
CA GLY A 139 4.51 0.65 -12.96
C GLY A 139 5.09 0.19 -14.29
N GLN A 140 5.32 -1.11 -14.45
CA GLN A 140 5.96 -1.65 -15.65
C GLN A 140 4.92 -1.94 -16.75
N TYR A 141 4.24 -0.87 -17.17
CA TYR A 141 3.07 -0.98 -18.06
C TYR A 141 3.31 -0.38 -19.43
N ALA A 142 4.56 -0.13 -19.80
CA ALA A 142 4.88 0.45 -21.09
C ALA A 142 6.14 -0.20 -21.62
N LYS A 143 6.19 -0.39 -22.93
CA LYS A 143 7.36 -1.01 -23.54
C LYS A 143 7.73 -0.28 -24.81
N PRO A 144 9.02 -0.27 -25.17
CA PRO A 144 9.42 0.17 -26.51
C PRO A 144 8.94 -0.82 -27.55
N ARG A 145 8.93 -0.37 -28.80
CA ARG A 145 8.69 -1.30 -29.89
C ARG A 145 9.51 -0.89 -31.11
N SER A 146 10.06 -1.89 -31.80
CA SER A 146 10.87 -1.66 -32.99
C SER A 146 9.99 -1.35 -34.21
N ALA A 147 9.05 -2.24 -34.50
CA ALA A 147 8.14 -2.05 -35.63
C ALA A 147 7.00 -1.12 -35.26
N ASP A 148 6.54 -0.34 -36.24
CA ASP A 148 5.30 0.40 -36.09
C ASP A 148 4.09 -0.41 -36.50
N ILE A 149 4.28 -1.48 -37.28
CA ILE A 149 3.20 -2.37 -37.68
C ILE A 149 3.61 -3.80 -37.35
N ASP A 150 2.82 -4.47 -36.50
CA ASP A 150 3.15 -5.81 -36.06
C ASP A 150 2.70 -6.85 -37.10
N ALA A 151 2.87 -8.13 -36.74
CA ALA A 151 2.70 -9.23 -37.69
C ALA A 151 1.27 -9.39 -38.17
N LEU A 152 0.28 -8.86 -37.46
CA LEU A 152 -1.10 -8.92 -37.89
C LEU A 152 -1.54 -7.64 -38.57
N GLY A 153 -0.60 -6.77 -38.93
CA GLY A 153 -0.92 -5.54 -39.63
C GLY A 153 -1.65 -4.50 -38.79
N LEU A 154 -1.46 -4.53 -37.48
CA LEU A 154 -2.07 -3.56 -36.59
C LEU A 154 -1.01 -2.64 -36.00
N ARG A 155 -1.44 -1.48 -35.50
CA ARG A 155 -0.60 -0.70 -34.62
C ARG A 155 -0.01 -1.61 -33.56
N SER A 156 1.26 -1.41 -33.24
CA SER A 156 1.92 -2.26 -32.26
C SER A 156 1.30 -2.09 -30.88
N TYR A 157 1.40 -3.14 -30.08
CA TYR A 157 1.06 -3.08 -28.67
C TYR A 157 2.22 -2.42 -27.92
N ARG A 158 1.94 -1.32 -27.25
CA ARG A 158 2.96 -0.54 -26.56
C ARG A 158 2.90 -0.70 -25.04
N GLY A 159 2.08 -1.60 -24.53
CA GLY A 159 1.92 -1.74 -23.09
C GLY A 159 0.61 -1.15 -22.58
N ASP A 160 0.09 -1.76 -21.51
CA ASP A 160 -1.24 -1.39 -21.02
C ASP A 160 -1.34 0.07 -20.65
N MET A 161 -0.22 0.74 -20.36
CA MET A 161 -0.27 2.17 -20.10
C MET A 161 -0.64 2.96 -21.34
N ILE A 162 -0.52 2.36 -22.53
CA ILE A 162 -0.64 3.08 -23.79
C ILE A 162 -1.81 2.56 -24.62
N ASN A 163 -1.88 1.25 -24.84
CA ASN A 163 -3.00 0.68 -25.60
C ASN A 163 -3.28 -0.72 -25.08
N GLY A 164 -4.09 -1.49 -25.83
CA GLY A 164 -4.54 -2.81 -25.41
C GLY A 164 -3.87 -3.95 -26.17
N PHE A 165 -3.76 -5.09 -25.49
CA PHE A 165 -3.15 -6.30 -26.06
C PHE A 165 -4.03 -6.96 -27.12
N ALA A 166 -5.34 -6.72 -27.08
CA ALA A 166 -6.26 -7.43 -27.97
C ALA A 166 -5.97 -7.07 -29.42
N PRO A 167 -5.83 -8.04 -30.31
CA PRO A 167 -5.57 -7.72 -31.73
C PRO A 167 -6.80 -7.14 -32.39
N ASP A 168 -7.00 -5.85 -32.20
CA ASP A 168 -8.26 -5.19 -32.53
C ASP A 168 -7.99 -3.72 -32.73
N ALA A 169 -8.28 -3.22 -33.94
CA ALA A 169 -8.06 -1.82 -34.29
C ALA A 169 -8.28 -0.89 -33.11
N ALA A 170 -9.40 -1.06 -32.39
CA ALA A 170 -9.77 -0.10 -31.36
C ALA A 170 -8.90 -0.24 -30.11
N ALA A 171 -8.66 -1.48 -29.66
CA ALA A 171 -7.82 -1.69 -28.50
C ALA A 171 -6.46 -1.04 -28.66
N ARG A 172 -5.95 -0.95 -29.89
CA ARG A 172 -4.60 -0.48 -30.13
C ARG A 172 -4.50 1.04 -30.21
N GLU A 173 -5.61 1.75 -30.17
CA GLU A 173 -5.55 3.21 -30.16
C GLU A 173 -4.91 3.68 -28.86
N HIS A 174 -4.10 4.74 -28.95
CA HIS A 174 -3.37 5.24 -27.78
C HIS A 174 -4.31 6.11 -26.95
N ASP A 175 -4.52 5.71 -25.70
CA ASP A 175 -5.60 6.22 -24.86
C ASP A 175 -5.04 6.88 -23.60
N PRO A 176 -4.96 8.21 -23.53
CA PRO A 176 -4.30 8.84 -22.37
C PRO A 176 -4.91 8.50 -21.03
N SER A 177 -6.17 8.07 -20.98
CA SER A 177 -6.76 7.74 -19.70
C SER A 177 -6.11 6.51 -19.09
N ARG A 178 -5.48 5.65 -19.91
CA ARG A 178 -4.72 4.54 -19.37
C ARG A 178 -3.61 4.99 -18.45
N LEU A 179 -3.23 6.27 -18.49
CA LEU A 179 -2.32 6.76 -17.46
C LEU A 179 -2.94 6.57 -16.09
N VAL A 180 -4.12 7.13 -15.87
CA VAL A 180 -4.76 7.06 -14.56
C VAL A 180 -4.98 5.61 -14.18
N ARG A 181 -5.54 4.82 -15.10
CA ARG A 181 -5.74 3.39 -14.85
C ARG A 181 -4.45 2.75 -14.37
N ALA A 182 -3.34 3.04 -15.05
CA ALA A 182 -2.07 2.47 -14.64
C ALA A 182 -1.73 2.87 -13.21
N TYR A 183 -1.86 4.15 -12.90
CA TYR A 183 -1.59 4.60 -11.53
C TYR A 183 -2.42 3.79 -10.55
N ALA A 184 -3.70 3.61 -10.87
CA ALA A 184 -4.56 2.86 -9.97
C ALA A 184 -4.04 1.44 -9.78
N ASN A 185 -3.62 0.79 -10.86
CA ASN A 185 -3.09 -0.56 -10.70
C ASN A 185 -1.75 -0.54 -9.98
N ALA A 186 -0.99 0.55 -10.10
CA ALA A 186 0.36 0.59 -9.55
C ALA A 186 0.32 0.70 -8.03
N SER A 187 -0.54 1.57 -7.51
CA SER A 187 -0.62 1.71 -6.06
C SER A 187 -1.29 0.49 -5.43
N ALA A 188 -2.40 0.03 -6.02
CA ALA A 188 -3.03 -1.20 -5.55
C ALA A 188 -1.99 -2.30 -5.37
N ALA A 189 -1.32 -2.66 -6.47
CA ALA A 189 -0.26 -3.67 -6.40
C ALA A 189 0.77 -3.29 -5.35
N MET A 190 1.24 -2.04 -5.35
CA MET A 190 2.24 -1.65 -4.37
C MET A 190 1.72 -1.91 -2.96
N ASN A 191 0.50 -1.45 -2.69
CA ASN A 191 -0.11 -1.68 -1.39
C ASN A 191 0.05 -3.14 -1.00
N LEU A 192 -0.31 -4.04 -1.91
CA LEU A 192 -0.26 -5.46 -1.59
C LEU A 192 1.15 -5.91 -1.24
N VAL A 193 2.15 -5.55 -2.06
CA VAL A 193 3.49 -6.03 -1.73
C VAL A 193 3.88 -5.49 -0.36
N ARG A 194 3.55 -4.22 -0.09
CA ARG A 194 3.87 -3.65 1.21
C ARG A 194 3.29 -4.50 2.32
N ALA A 195 2.01 -4.87 2.19
CA ALA A 195 1.37 -5.70 3.20
C ALA A 195 2.02 -7.08 3.27
N LEU A 196 2.25 -7.70 2.11
CA LEU A 196 2.82 -9.04 2.11
C LEU A 196 4.14 -9.06 2.85
N THR A 197 5.09 -8.26 2.39
CA THR A 197 6.41 -8.23 2.98
C THR A 197 6.38 -7.87 4.46
N SER A 198 5.29 -7.29 4.94
CA SER A 198 5.20 -6.90 6.35
C SER A 198 4.43 -7.90 7.19
N SER A 199 3.70 -8.84 6.57
CA SER A 199 2.85 -9.78 7.28
C SER A 199 3.34 -11.22 7.21
N GLY A 200 4.56 -11.45 6.76
CA GLY A 200 5.19 -12.75 6.89
C GLY A 200 5.13 -13.67 5.69
N LEU A 201 4.76 -13.18 4.51
CA LEU A 201 5.12 -13.88 3.29
C LEU A 201 6.63 -13.83 3.06
N ALA A 202 7.29 -12.81 3.60
CA ALA A 202 8.74 -12.72 3.55
C ALA A 202 9.39 -13.22 4.83
N SER A 203 8.70 -14.07 5.59
CA SER A 203 9.33 -14.77 6.70
C SER A 203 10.31 -15.80 6.16
N LEU A 204 11.60 -15.59 6.45
CA LEU A 204 12.65 -16.40 5.85
C LEU A 204 12.36 -17.89 5.99
N HIS A 205 11.89 -18.31 7.17
CA HIS A 205 11.61 -19.72 7.40
C HIS A 205 10.60 -20.26 6.39
N LEU A 206 9.54 -19.50 6.12
CA LEU A 206 8.49 -19.91 5.19
C LEU A 206 9.03 -20.00 3.76
N VAL A 207 9.74 -18.96 3.33
CA VAL A 207 10.28 -18.93 1.98
C VAL A 207 11.21 -20.12 1.75
N HIS A 208 12.09 -20.39 2.72
CA HIS A 208 12.95 -21.54 2.57
C HIS A 208 12.14 -22.82 2.50
N ASP A 209 11.04 -22.90 3.26
CA ASP A 209 10.15 -24.05 3.13
C ASP A 209 9.79 -24.29 1.67
N TRP A 210 9.31 -23.25 1.00
CA TRP A 210 8.97 -23.41 -0.41
C TRP A 210 10.16 -23.91 -1.21
N ASN A 211 11.37 -23.41 -0.91
CA ASN A 211 12.55 -23.89 -1.61
C ASN A 211 12.74 -25.40 -1.42
N ARG A 212 12.45 -25.91 -0.21
CA ARG A 212 12.64 -27.33 0.04
C ARG A 212 11.59 -28.16 -0.70
N GLU A 213 10.34 -27.71 -0.70
CA GLU A 213 9.36 -28.34 -1.57
C GLU A 213 9.89 -28.42 -2.99
N PHE A 214 10.58 -27.36 -3.44
CA PHE A 214 11.13 -27.36 -4.79
C PHE A 214 12.20 -28.43 -4.98
N VAL A 215 13.02 -28.70 -3.95
CA VAL A 215 14.05 -29.73 -4.11
C VAL A 215 13.42 -31.11 -4.13
N ARG A 216 12.38 -31.34 -3.33
CA ARG A 216 11.57 -32.55 -3.49
C ARG A 216 11.08 -32.69 -4.92
N THR A 217 10.45 -31.64 -5.46
CA THR A 217 9.65 -31.74 -6.67
C THR A 217 10.48 -31.72 -7.96
N SER A 218 11.60 -31.02 -7.95
CA SER A 218 12.24 -30.67 -9.22
C SER A 218 12.94 -31.88 -9.83
N PRO A 219 12.72 -32.16 -11.12
CA PRO A 219 13.51 -33.18 -11.83
C PRO A 219 15.02 -33.13 -11.56
N ALA A 220 15.57 -31.95 -11.27
CA ALA A 220 16.99 -31.83 -10.94
C ALA A 220 17.23 -31.63 -9.45
N GLY A 221 16.28 -32.05 -8.60
CA GLY A 221 16.41 -31.81 -7.17
C GLY A 221 17.71 -32.32 -6.58
N ALA A 222 18.35 -33.30 -7.23
CA ALA A 222 19.57 -33.88 -6.69
C ALA A 222 20.78 -32.98 -6.90
N ARG A 223 20.78 -32.17 -7.97
CA ARG A 223 21.90 -31.26 -8.20
C ARG A 223 21.95 -30.15 -7.18
N TYR A 224 20.88 -29.95 -6.41
CA TYR A 224 20.81 -28.83 -5.48
C TYR A 224 20.49 -29.25 -4.04
N GLU A 225 20.33 -30.55 -3.77
CA GLU A 225 20.08 -30.98 -2.39
C GLU A 225 21.20 -30.53 -1.47
N ALA A 226 22.44 -30.53 -1.96
CA ALA A 226 23.57 -30.15 -1.13
C ALA A 226 23.43 -28.72 -0.64
N LEU A 227 23.29 -27.77 -1.57
CA LEU A 227 23.24 -26.37 -1.19
C LEU A 227 21.98 -26.06 -0.38
N ALA A 228 20.86 -26.70 -0.72
CA ALA A 228 19.61 -26.49 0.02
C ALA A 228 19.77 -26.95 1.46
N THR A 229 20.39 -28.11 1.66
CA THR A 229 20.63 -28.62 3.00
C THR A 229 21.54 -27.66 3.77
N GLU A 230 22.62 -27.21 3.11
CA GLU A 230 23.55 -26.30 3.77
C GLU A 230 22.86 -25.00 4.21
N ILE A 231 21.93 -24.50 3.40
CA ILE A 231 21.15 -23.33 3.81
C ILE A 231 20.28 -23.67 5.02
N ASP A 232 19.57 -24.79 4.94
CA ASP A 232 18.72 -25.21 6.06
C ASP A 232 19.51 -25.24 7.36
N ARG A 233 20.78 -25.66 7.30
CA ARG A 233 21.58 -25.83 8.50
C ARG A 233 22.15 -24.51 8.98
N GLY A 234 22.41 -23.56 8.07
CA GLY A 234 22.73 -22.20 8.52
C GLY A 234 21.56 -21.50 9.18
N LEU A 235 20.35 -21.77 8.70
CA LEU A 235 19.14 -21.21 9.30
C LEU A 235 18.94 -21.76 10.71
N ARG A 236 18.85 -23.09 10.81
CA ARG A 236 18.85 -23.74 12.11
C ARG A 236 19.96 -23.18 12.99
N PHE A 237 21.12 -22.92 12.39
CA PHE A 237 22.24 -22.37 13.13
C PHE A 237 21.86 -21.04 13.78
N MET A 238 21.23 -20.16 13.02
CA MET A 238 20.78 -18.89 13.59
C MET A 238 19.84 -19.13 14.77
N SER A 239 18.94 -20.10 14.65
CA SER A 239 18.03 -20.34 15.76
C SER A 239 18.78 -20.89 16.97
N ALA A 240 19.78 -21.73 16.75
CA ALA A 240 20.52 -22.35 17.85
C ALA A 240 21.34 -21.32 18.61
N CYS A 241 21.90 -20.34 17.92
CA CYS A 241 22.60 -19.26 18.59
C CYS A 241 21.66 -18.27 19.25
N GLY A 242 20.34 -18.50 19.20
CA GLY A 242 19.37 -17.70 19.92
C GLY A 242 19.38 -16.25 19.51
N VAL A 243 19.13 -15.98 18.24
CA VAL A 243 19.39 -14.69 17.65
C VAL A 243 18.06 -14.06 17.24
N ALA A 244 17.70 -12.99 17.95
CA ALA A 244 16.40 -12.32 17.84
C ALA A 244 15.95 -12.22 16.38
N ASP A 245 14.96 -13.03 16.02
CA ASP A 245 14.64 -13.28 14.62
C ASP A 245 13.63 -12.29 14.05
N ARG A 246 13.47 -11.11 14.65
CA ARG A 246 12.56 -10.12 14.09
C ARG A 246 12.95 -9.78 12.66
N ASN A 247 14.25 -9.55 12.44
CA ASN A 247 14.72 -9.23 11.10
C ASN A 247 14.58 -10.39 10.13
N LEU A 248 14.28 -11.58 10.64
CA LEU A 248 14.04 -12.75 9.81
C LEU A 248 12.58 -12.88 9.40
N GLN A 249 11.70 -12.01 9.90
CA GLN A 249 10.28 -12.14 9.66
C GLN A 249 9.79 -11.28 8.50
N THR A 250 10.58 -10.32 8.05
CA THR A 250 10.17 -9.41 7.00
C THR A 250 11.32 -9.14 6.05
N ALA A 251 10.98 -8.60 4.88
CA ALA A 251 11.95 -8.26 3.86
C ALA A 251 11.50 -6.95 3.22
N GLU A 252 12.45 -6.24 2.63
CA GLU A 252 12.17 -5.03 1.88
C GLU A 252 12.22 -5.36 0.39
N ILE A 253 11.11 -5.12 -0.31
CA ILE A 253 11.04 -5.28 -1.74
C ILE A 253 10.71 -3.91 -2.34
N TYR A 254 11.51 -3.49 -3.30
CA TYR A 254 11.38 -2.18 -3.93
C TYR A 254 10.78 -2.32 -5.32
N ALA A 255 10.04 -1.27 -5.72
CA ALA A 255 9.40 -1.22 -7.02
C ALA A 255 10.30 -0.55 -8.04
N SER A 256 10.34 -1.12 -9.25
CA SER A 256 11.07 -0.51 -10.34
C SER A 256 10.36 -0.79 -11.65
N HIS A 257 10.58 0.08 -12.62
CA HIS A 257 10.13 -0.14 -13.98
C HIS A 257 10.98 0.70 -14.91
N GLU A 258 10.90 0.38 -16.20
CA GLU A 258 11.54 1.22 -17.21
C GLU A 258 10.76 2.52 -17.30
N ALA A 259 11.40 3.64 -16.94
CA ALA A 259 10.82 4.95 -17.15
C ALA A 259 10.85 5.27 -18.64
N LEU A 260 9.68 5.35 -19.26
CA LEU A 260 9.57 5.45 -20.71
C LEU A 260 8.54 6.50 -21.10
N VAL A 261 7.33 6.42 -20.55
CA VAL A 261 6.27 7.37 -20.88
C VAL A 261 6.44 8.62 -20.04
N LEU A 262 7.12 9.63 -20.59
CA LEU A 262 7.51 10.79 -19.80
C LEU A 262 6.32 11.61 -19.30
N ASP A 263 5.14 11.47 -19.91
CA ASP A 263 3.94 12.08 -19.34
C ASP A 263 3.66 11.53 -17.95
N TYR A 264 3.66 10.20 -17.83
CA TYR A 264 3.46 9.55 -16.54
C TYR A 264 4.55 9.97 -15.57
N GLU A 265 5.82 9.67 -15.91
CA GLU A 265 6.90 9.87 -14.96
C GLU A 265 7.00 11.31 -14.52
N ARG A 266 6.78 12.25 -15.46
CA ARG A 266 6.86 13.65 -15.07
C ARG A 266 5.71 14.04 -14.15
N ALA A 267 4.52 13.48 -14.39
CA ALA A 267 3.41 13.85 -13.53
C ALA A 267 3.55 13.27 -12.13
N MET A 268 4.35 12.23 -11.95
CA MET A 268 4.56 11.65 -10.63
C MET A 268 5.75 12.29 -9.92
N LEU A 269 6.30 13.38 -10.44
CA LEU A 269 7.35 14.09 -9.74
C LEU A 269 6.78 14.76 -8.50
N ARG A 270 7.63 14.89 -7.48
CA ARG A 270 7.22 15.45 -6.20
C ARG A 270 8.49 15.86 -5.46
N LEU A 271 8.36 16.88 -4.61
CA LEU A 271 9.51 17.53 -3.99
C LEU A 271 9.72 17.03 -2.57
N SER A 272 10.93 16.55 -2.29
CA SER A 272 11.38 16.15 -0.94
C SER A 272 10.66 16.92 0.17
N GLU A 278 18.13 19.62 2.95
CA GLU A 278 17.89 20.33 1.69
C GLU A 278 16.76 19.65 0.89
N PRO A 279 16.26 20.34 -0.15
CA PRO A 279 15.15 19.78 -0.93
C PRO A 279 15.57 19.27 -2.30
N GLN A 280 15.20 18.03 -2.62
CA GLN A 280 15.47 17.43 -3.92
C GLN A 280 14.16 17.07 -4.60
N LEU A 281 14.24 16.79 -5.90
CA LEU A 281 13.07 16.44 -6.70
C LEU A 281 13.11 14.94 -6.99
N PHE A 282 12.07 14.24 -6.54
CA PHE A 282 11.95 12.78 -6.65
C PHE A 282 10.86 12.39 -7.63
N ASP A 283 10.98 11.16 -8.15
CA ASP A 283 9.95 10.53 -8.96
C ASP A 283 9.32 9.41 -8.14
N LEU A 284 8.08 9.59 -7.72
CA LEU A 284 7.43 8.71 -6.76
C LEU A 284 6.43 7.76 -7.42
N SER A 285 6.72 7.33 -8.63
CA SER A 285 6.04 6.19 -9.23
C SER A 285 6.77 4.90 -8.94
N ALA A 286 8.00 4.98 -8.47
CA ALA A 286 8.80 3.80 -8.18
C ALA A 286 9.94 4.24 -7.28
N HIS A 287 10.65 3.25 -6.75
CA HIS A 287 11.86 3.56 -6.01
C HIS A 287 13.00 3.86 -6.98
N THR A 288 13.15 3.04 -8.02
CA THR A 288 14.20 3.24 -9.00
C THR A 288 13.66 2.92 -10.39
N VAL A 289 14.26 3.53 -11.41
CA VAL A 289 13.88 3.34 -12.80
C VAL A 289 15.14 3.23 -13.64
N TRP A 290 14.96 2.75 -14.87
CA TRP A 290 16.07 2.63 -15.80
C TRP A 290 15.63 3.14 -17.17
N ILE A 291 16.63 3.41 -18.00
CA ILE A 291 16.42 3.82 -19.39
C ILE A 291 16.86 2.66 -20.27
N GLY A 292 15.98 2.27 -21.19
CA GLY A 292 16.21 1.10 -22.00
C GLY A 292 17.14 1.37 -23.17
N GLU A 293 17.43 0.29 -23.90
CA GLU A 293 18.35 0.37 -25.04
C GLU A 293 17.88 1.39 -26.07
N ARG A 294 16.57 1.46 -26.33
CA ARG A 294 16.05 2.28 -27.41
C ARG A 294 15.74 3.70 -26.99
N THR A 295 16.04 4.10 -25.76
CA THR A 295 15.68 5.43 -25.27
C THR A 295 16.82 6.19 -24.62
N ARG A 296 18.02 5.64 -24.58
CA ARG A 296 19.11 6.29 -23.87
C ARG A 296 19.88 7.28 -24.74
N GLN A 297 19.25 7.81 -25.78
CA GLN A 297 19.88 8.85 -26.58
C GLN A 297 20.47 9.89 -25.62
N ILE A 298 21.81 9.98 -25.59
CA ILE A 298 22.50 10.79 -24.59
C ILE A 298 21.91 12.19 -24.52
N ASP A 299 21.55 12.76 -25.67
CA ASP A 299 20.98 14.10 -25.72
C ASP A 299 19.46 14.08 -25.81
N GLY A 300 18.84 12.96 -25.42
CA GLY A 300 17.40 12.85 -25.42
C GLY A 300 16.79 13.19 -24.07
N ALA A 301 15.46 13.16 -24.05
CA ALA A 301 14.71 13.57 -22.87
C ALA A 301 14.78 12.54 -21.75
N HIS A 302 15.00 11.27 -22.05
CA HIS A 302 15.01 10.27 -20.98
C HIS A 302 16.24 10.43 -20.09
N ILE A 303 17.42 10.58 -20.69
CA ILE A 303 18.63 10.82 -19.91
C ILE A 303 18.53 12.15 -19.16
N ALA A 304 17.92 13.16 -19.77
CA ALA A 304 17.77 14.44 -19.08
C ALA A 304 16.92 14.28 -17.84
N PHE A 305 15.76 13.63 -18.00
CA PHE A 305 14.89 13.32 -16.88
C PHE A 305 15.67 12.59 -15.80
N ALA A 306 16.51 11.63 -16.20
CA ALA A 306 17.32 10.92 -15.22
C ALA A 306 18.30 11.84 -14.51
N GLN A 307 18.79 12.88 -15.21
CA GLN A 307 19.69 13.84 -14.55
C GLN A 307 18.97 14.62 -13.48
N VAL A 308 17.71 14.99 -13.72
CA VAL A 308 17.05 15.90 -12.80
C VAL A 308 16.61 15.21 -11.51
N ILE A 309 16.06 14.00 -11.59
CA ILE A 309 15.49 13.34 -10.42
C ILE A 309 16.62 12.80 -9.53
N ALA A 310 16.27 12.50 -8.28
CA ALA A 310 17.21 12.00 -7.28
C ALA A 310 17.17 10.48 -7.11
N ASN A 311 16.10 9.84 -7.57
CA ASN A 311 16.00 8.38 -7.62
C ASN A 311 17.30 7.76 -8.14
N PRO A 312 17.68 6.57 -7.66
CA PRO A 312 18.65 5.78 -8.41
C PRO A 312 18.17 5.55 -9.84
N VAL A 313 19.12 5.34 -10.75
CA VAL A 313 18.80 5.13 -12.16
C VAL A 313 19.71 4.04 -12.72
N GLY A 314 19.17 3.29 -13.68
CA GLY A 314 19.98 2.33 -14.40
C GLY A 314 19.94 2.65 -15.88
N VAL A 315 20.93 2.17 -16.64
CA VAL A 315 20.93 2.30 -18.09
C VAL A 315 21.26 0.96 -18.71
N LYS A 316 20.49 0.57 -19.72
CA LYS A 316 20.83 -0.62 -20.49
C LYS A 316 22.00 -0.31 -21.42
N LEU A 317 23.02 -1.17 -21.39
CA LEU A 317 24.17 -1.11 -22.29
C LEU A 317 24.15 -2.32 -23.20
N GLY A 318 23.96 -2.10 -24.49
CA GLY A 318 23.88 -3.19 -25.44
C GLY A 318 25.21 -3.53 -26.09
N PRO A 319 25.17 -4.34 -27.15
CA PRO A 319 26.41 -4.72 -27.83
C PRO A 319 27.04 -3.59 -28.64
N ASN A 320 26.23 -2.67 -29.14
CA ASN A 320 26.75 -1.50 -29.86
C ASN A 320 27.36 -0.47 -28.91
N MET A 321 27.37 -0.73 -27.62
CA MET A 321 27.96 0.21 -26.67
C MET A 321 29.47 0.31 -26.89
N THR A 322 29.99 1.52 -26.69
CA THR A 322 31.41 1.81 -26.74
C THR A 322 31.87 2.27 -25.36
N PRO A 323 33.13 2.01 -24.99
CA PRO A 323 33.63 2.55 -23.71
C PRO A 323 33.45 4.06 -23.64
N GLU A 324 33.84 4.74 -24.70
CA GLU A 324 33.78 6.20 -24.76
C GLU A 324 32.41 6.72 -24.32
N LEU A 325 31.34 6.05 -24.74
CA LEU A 325 29.99 6.57 -24.47
C LEU A 325 29.55 6.28 -23.04
N ALA A 326 29.75 5.04 -22.58
CA ALA A 326 29.50 4.70 -21.19
C ALA A 326 30.10 5.77 -20.27
N VAL A 327 31.31 6.24 -20.58
CA VAL A 327 31.87 7.30 -19.75
C VAL A 327 30.97 8.53 -19.77
N GLU A 328 30.44 8.89 -20.94
CA GLU A 328 29.52 10.03 -21.02
C GLU A 328 28.33 9.83 -20.09
N TYR A 329 27.81 8.61 -20.02
CA TYR A 329 26.70 8.33 -19.11
C TYR A 329 27.10 8.55 -17.66
N VAL A 330 28.31 8.10 -17.29
CA VAL A 330 28.78 8.34 -15.93
C VAL A 330 28.87 9.83 -15.65
N GLU A 331 29.53 10.58 -16.54
CA GLU A 331 29.70 12.01 -16.32
C GLU A 331 28.35 12.71 -16.20
N ARG A 332 27.33 12.17 -16.87
CA ARG A 332 26.03 12.84 -16.93
C ARG A 332 25.14 12.52 -15.73
N LEU A 333 25.12 11.25 -15.32
CA LEU A 333 24.14 10.78 -14.36
C LEU A 333 24.72 10.57 -12.97
N ASP A 334 26.01 10.80 -12.79
CA ASP A 334 26.64 10.73 -11.47
C ASP A 334 27.56 11.94 -11.29
N PRO A 335 27.05 13.15 -11.52
CA PRO A 335 27.91 14.33 -11.43
C PRO A 335 28.59 14.52 -10.08
N HIS A 336 27.87 14.32 -8.97
CA HIS A 336 28.42 14.58 -7.64
C HIS A 336 29.00 13.34 -6.97
N ASN A 337 29.41 12.34 -7.76
CA ASN A 337 30.08 11.13 -7.26
C ASN A 337 29.36 10.53 -6.04
N LYS A 338 28.11 10.11 -6.26
CA LYS A 338 27.34 9.40 -5.24
C LYS A 338 27.41 7.92 -5.55
N PRO A 339 28.07 7.09 -4.73
CA PRO A 339 28.21 5.68 -5.09
C PRO A 339 26.84 5.03 -5.16
N GLY A 340 26.63 4.21 -6.18
CA GLY A 340 25.40 3.48 -6.34
C GLY A 340 24.26 4.23 -7.00
N ARG A 341 24.38 5.55 -7.18
CA ARG A 341 23.28 6.29 -7.80
C ARG A 341 23.04 5.85 -9.23
N LEU A 342 24.08 5.42 -9.94
CA LEU A 342 23.96 4.94 -11.32
C LEU A 342 24.34 3.47 -11.39
N THR A 343 23.48 2.69 -12.04
CA THR A 343 23.74 1.30 -12.40
C THR A 343 23.85 1.21 -13.91
N LEU A 344 24.85 0.47 -14.39
CA LEU A 344 25.00 0.15 -15.80
C LEU A 344 24.73 -1.33 -15.98
N VAL A 345 23.90 -1.67 -16.97
CA VAL A 345 23.32 -3.01 -17.08
C VAL A 345 23.80 -3.65 -18.37
N SER A 346 24.62 -4.68 -18.27
CA SER A 346 25.13 -5.35 -19.45
C SER A 346 24.09 -6.32 -20.00
N ARG A 347 23.78 -6.21 -21.29
CA ARG A 347 22.91 -7.17 -21.99
C ARG A 347 23.50 -7.39 -23.38
N MET A 348 24.54 -8.21 -23.45
CA MET A 348 25.31 -8.38 -24.68
C MET A 348 24.98 -9.66 -25.43
N GLY A 349 24.64 -10.72 -24.74
CA GLY A 349 24.66 -12.07 -25.28
C GLY A 349 25.86 -12.85 -24.77
N ASN A 350 25.67 -14.16 -24.59
CA ASN A 350 26.69 -14.96 -23.93
C ASN A 350 27.92 -15.16 -24.81
N HIS A 351 27.72 -15.24 -26.13
CA HIS A 351 28.83 -15.24 -27.08
C HIS A 351 29.51 -13.87 -27.24
N LYS A 352 29.04 -12.83 -26.56
CA LYS A 352 29.58 -11.48 -26.74
C LYS A 352 30.06 -10.82 -25.46
N VAL A 353 29.50 -11.18 -24.30
CA VAL A 353 29.80 -10.44 -23.08
C VAL A 353 31.28 -10.49 -22.75
N ARG A 354 31.95 -11.61 -23.05
CA ARG A 354 33.37 -11.75 -22.69
C ARG A 354 34.24 -10.77 -23.45
N ASP A 355 33.92 -10.49 -24.72
CA ASP A 355 34.72 -9.58 -25.51
C ASP A 355 34.34 -8.13 -25.24
N LEU A 356 33.04 -7.83 -25.22
CA LEU A 356 32.56 -6.46 -25.32
C LEU A 356 32.58 -5.72 -23.98
N LEU A 357 32.49 -6.44 -22.88
CA LEU A 357 32.31 -5.79 -21.58
C LEU A 357 33.62 -5.27 -21.00
N PRO A 358 34.70 -6.05 -21.01
CA PRO A 358 35.93 -5.65 -20.28
C PRO A 358 36.39 -4.25 -20.63
N PRO A 359 36.48 -3.89 -21.92
CA PRO A 359 36.90 -2.52 -22.23
C PRO A 359 36.03 -1.47 -21.56
N ILE A 360 34.71 -1.69 -21.50
CA ILE A 360 33.82 -0.70 -20.91
C ILE A 360 34.11 -0.54 -19.43
N VAL A 361 34.19 -1.66 -18.72
CA VAL A 361 34.51 -1.64 -17.30
C VAL A 361 35.83 -0.90 -17.08
N GLU A 362 36.85 -1.24 -17.89
CA GLU A 362 38.13 -0.55 -17.85
C GLU A 362 37.91 0.97 -17.89
N LYS A 363 37.37 1.43 -19.02
CA LYS A 363 37.20 2.86 -19.26
C LYS A 363 36.45 3.53 -18.12
N VAL A 364 35.52 2.82 -17.48
CA VAL A 364 34.60 3.46 -16.55
C VAL A 364 35.15 3.44 -15.13
N GLN A 365 35.72 2.31 -14.69
CA GLN A 365 36.47 2.30 -13.44
C GLN A 365 37.57 3.35 -13.47
N ALA A 366 38.15 3.60 -14.65
CA ALA A 366 39.16 4.65 -14.75
C ALA A 366 38.68 5.98 -14.20
N THR A 367 37.39 6.29 -14.38
CA THR A 367 36.91 7.65 -14.16
C THR A 367 36.84 8.05 -12.69
N GLY A 368 36.92 7.08 -11.77
CA GLY A 368 36.83 7.37 -10.35
C GLY A 368 35.46 7.17 -9.75
N HIS A 369 34.42 7.04 -10.58
CA HIS A 369 33.07 6.87 -10.06
C HIS A 369 32.79 5.41 -9.73
N GLN A 370 31.95 5.21 -8.71
CA GLN A 370 31.61 3.87 -8.22
C GLN A 370 30.21 3.52 -8.72
N VAL A 371 30.13 2.66 -9.73
CA VAL A 371 28.86 2.26 -10.32
C VAL A 371 28.54 0.83 -9.90
N ILE A 372 27.30 0.43 -10.13
CA ILE A 372 26.87 -0.95 -9.95
C ILE A 372 26.91 -1.63 -11.31
N TRP A 373 27.59 -2.77 -11.38
CA TRP A 373 27.68 -3.55 -12.60
C TRP A 373 26.65 -4.66 -12.48
N GLN A 374 25.63 -4.59 -13.32
CA GLN A 374 24.49 -5.49 -13.26
C GLN A 374 24.35 -6.23 -14.58
N CYS A 375 24.11 -7.52 -14.52
CA CYS A 375 23.98 -8.37 -15.70
C CYS A 375 22.51 -8.58 -16.04
N ASP A 376 22.13 -8.23 -17.26
CA ASP A 376 20.85 -8.61 -17.83
C ASP A 376 21.09 -9.76 -18.82
N PRO A 377 21.03 -11.01 -18.37
CA PRO A 377 21.38 -12.13 -19.26
C PRO A 377 20.22 -12.59 -20.14
N MET A 378 19.22 -11.75 -20.33
CA MET A 378 18.00 -12.16 -21.01
C MET A 378 17.74 -11.40 -22.29
N HIS A 379 17.82 -10.07 -22.27
CA HIS A 379 17.34 -9.28 -23.41
C HIS A 379 18.29 -9.29 -24.59
N GLY A 380 19.41 -10.01 -24.52
CA GLY A 380 20.29 -10.16 -25.66
C GLY A 380 20.49 -11.62 -26.05
N ASN A 381 19.58 -12.49 -25.60
CA ASN A 381 19.69 -13.93 -25.83
C ASN A 381 18.35 -14.51 -26.24
N THR A 382 17.58 -13.76 -27.02
CA THR A 382 16.23 -14.18 -27.41
C THR A 382 16.20 -14.48 -28.91
N HIS A 383 15.59 -15.61 -29.26
CA HIS A 383 15.54 -16.10 -30.63
C HIS A 383 14.16 -16.67 -30.91
N GLU A 384 13.81 -16.74 -32.19
CA GLU A 384 12.51 -17.26 -32.59
C GLU A 384 12.61 -18.75 -32.89
N SER A 385 11.73 -19.53 -32.30
CA SER A 385 11.70 -20.97 -32.50
C SER A 385 10.77 -21.33 -33.65
N SER A 386 10.99 -22.52 -34.21
CA SER A 386 10.17 -22.97 -35.33
C SER A 386 8.73 -23.25 -34.92
N THR A 387 8.46 -23.41 -33.62
CA THR A 387 7.09 -23.42 -33.14
C THR A 387 6.42 -22.04 -33.27
N GLY A 388 7.17 -21.00 -33.66
CA GLY A 388 6.63 -19.69 -33.90
C GLY A 388 6.79 -18.71 -32.76
N PHE A 389 7.12 -19.17 -31.55
CA PHE A 389 7.24 -18.31 -30.40
C PHE A 389 8.62 -17.69 -30.32
N LYS A 390 8.70 -16.49 -29.74
CA LYS A 390 9.99 -15.91 -29.39
C LYS A 390 10.32 -16.37 -27.98
N THR A 391 11.55 -16.84 -27.81
CA THR A 391 11.91 -17.64 -26.64
C THR A 391 13.38 -17.40 -26.31
N ARG A 392 13.84 -17.99 -25.21
CA ARG A 392 15.20 -17.87 -24.74
C ARG A 392 15.65 -19.22 -24.22
N HIS A 393 16.90 -19.59 -24.50
CA HIS A 393 17.42 -20.86 -24.02
C HIS A 393 18.06 -20.67 -22.66
N PHE A 394 17.64 -21.49 -21.71
CA PHE A 394 18.12 -21.40 -20.33
C PHE A 394 19.65 -21.38 -20.27
N ASP A 395 20.30 -22.28 -21.02
CA ASP A 395 21.76 -22.40 -20.95
C ASP A 395 22.45 -21.14 -21.45
N ARG A 396 21.94 -20.54 -22.54
CA ARG A 396 22.49 -19.28 -23.02
C ARG A 396 22.44 -18.21 -21.93
N ILE A 397 21.33 -18.16 -21.19
CA ILE A 397 21.16 -17.18 -20.11
C ILE A 397 22.22 -17.40 -19.02
N VAL A 398 22.19 -18.60 -18.43
CA VAL A 398 23.16 -18.97 -17.39
C VAL A 398 24.55 -18.58 -17.87
N ASP A 399 24.83 -18.82 -19.16
CA ASP A 399 26.17 -18.61 -19.65
C ASP A 399 26.52 -17.13 -19.77
N GLU A 400 25.54 -16.26 -20.04
CA GLU A 400 25.89 -14.85 -19.96
C GLU A 400 26.20 -14.45 -18.52
N VAL A 401 25.56 -15.08 -17.54
CA VAL A 401 25.95 -14.75 -16.17
C VAL A 401 27.36 -15.27 -15.88
N GLN A 402 27.67 -16.48 -16.36
CA GLN A 402 29.02 -17.00 -16.18
C GLN A 402 30.05 -16.05 -16.77
N GLY A 403 29.83 -15.60 -18.00
CA GLY A 403 30.77 -14.69 -18.63
C GLY A 403 30.89 -13.37 -17.89
N PHE A 404 29.75 -12.81 -17.46
CA PHE A 404 29.76 -11.60 -16.64
C PHE A 404 30.68 -11.75 -15.44
N PHE A 405 30.49 -12.84 -14.68
CA PHE A 405 31.35 -13.10 -13.54
C PHE A 405 32.81 -13.22 -13.94
N GLU A 406 33.10 -13.93 -15.04
CA GLU A 406 34.48 -14.12 -15.44
C GLU A 406 35.14 -12.79 -15.78
N VAL A 407 34.42 -11.90 -16.49
CA VAL A 407 34.93 -10.55 -16.74
C VAL A 407 35.34 -9.89 -15.43
N HIS A 408 34.38 -9.79 -14.49
CA HIS A 408 34.66 -9.01 -13.29
C HIS A 408 35.75 -9.66 -12.44
N ARG A 409 35.75 -10.99 -12.34
CA ARG A 409 36.85 -11.66 -11.67
C ARG A 409 38.18 -11.23 -12.27
N ALA A 410 38.27 -11.26 -13.61
CA ALA A 410 39.52 -10.90 -14.26
C ALA A 410 39.94 -9.47 -13.93
N LEU A 411 38.99 -8.54 -13.86
CA LEU A 411 39.36 -7.14 -13.73
C LEU A 411 39.39 -6.65 -12.28
N GLY A 412 39.02 -7.48 -11.31
CA GLY A 412 39.05 -7.08 -9.92
C GLY A 412 37.88 -6.25 -9.46
N THR A 413 36.86 -6.07 -10.29
CA THR A 413 35.70 -5.30 -9.92
C THR A 413 34.59 -6.22 -9.41
N HIS A 414 33.56 -5.60 -8.85
CA HIS A 414 32.51 -6.34 -8.15
C HIS A 414 31.42 -6.74 -9.15
N PRO A 415 31.11 -8.04 -9.30
CA PRO A 415 29.87 -8.41 -10.01
C PRO A 415 28.66 -8.04 -9.17
N GLY A 416 27.94 -7.00 -9.60
CA GLY A 416 27.00 -6.30 -8.73
C GLY A 416 25.64 -6.93 -8.52
N GLY A 417 25.06 -7.52 -9.57
CA GLY A 417 23.74 -8.11 -9.45
C GLY A 417 23.28 -8.69 -10.78
N ILE A 418 22.06 -9.22 -10.76
CA ILE A 418 21.40 -9.67 -11.98
C ILE A 418 20.11 -8.87 -12.17
N HIS A 419 19.50 -9.08 -13.34
CA HIS A 419 18.30 -8.33 -13.74
C HIS A 419 17.55 -9.25 -14.71
N VAL A 420 16.66 -10.07 -14.19
CA VAL A 420 16.02 -11.12 -14.97
C VAL A 420 14.52 -10.88 -15.02
N GLU A 421 13.87 -11.60 -15.93
CA GLU A 421 12.42 -11.55 -16.12
C GLU A 421 11.87 -12.92 -15.76
N ILE A 422 10.98 -12.97 -14.77
CA ILE A 422 10.52 -14.21 -14.16
C ILE A 422 9.03 -14.09 -13.86
N THR A 423 8.45 -15.20 -13.40
CA THR A 423 7.09 -15.22 -12.91
C THR A 423 6.96 -16.36 -11.90
N GLY A 424 5.94 -16.27 -11.06
CA GLY A 424 5.61 -17.34 -10.14
C GLY A 424 4.66 -18.36 -10.69
N GLU A 425 4.18 -18.16 -11.91
CA GLU A 425 3.31 -19.11 -12.57
C GLU A 425 4.15 -20.25 -13.16
N ASN A 426 3.59 -21.45 -13.18
CA ASN A 426 4.27 -22.58 -13.81
C ASN A 426 4.00 -22.47 -15.31
N VAL A 427 4.83 -21.66 -15.96
CA VAL A 427 4.59 -21.19 -17.31
C VAL A 427 5.61 -21.86 -18.22
N THR A 428 5.39 -21.78 -19.54
CA THR A 428 6.24 -22.45 -20.54
C THR A 428 6.61 -21.45 -21.63
N GLU A 429 7.61 -20.61 -21.35
CA GLU A 429 8.04 -19.59 -22.30
C GLU A 429 9.53 -19.63 -22.60
N CYS A 430 10.35 -20.30 -21.79
CA CYS A 430 11.78 -20.42 -22.05
C CYS A 430 12.15 -21.90 -22.15
N LEU A 431 13.02 -22.22 -23.10
CA LEU A 431 13.43 -23.59 -23.31
C LEU A 431 14.48 -24.01 -22.28
N GLY A 432 14.46 -25.28 -21.92
CA GLY A 432 15.49 -25.82 -21.07
C GLY A 432 15.12 -25.84 -19.59
N GLY A 433 16.12 -25.71 -18.73
CA GLY A 433 15.92 -25.94 -17.32
C GLY A 433 15.70 -27.42 -17.03
N ALA A 434 15.46 -27.72 -15.76
CA ALA A 434 15.34 -29.12 -15.34
C ALA A 434 14.14 -29.80 -15.99
N GLN A 435 13.09 -29.04 -16.32
CA GLN A 435 11.94 -29.60 -17.01
C GLN A 435 12.19 -29.88 -18.49
N ASP A 436 13.40 -29.58 -19.00
CA ASP A 436 13.72 -29.79 -20.41
C ASP A 436 12.55 -29.38 -21.29
N ILE A 437 12.29 -28.09 -21.38
CA ILE A 437 11.09 -27.60 -22.05
C ILE A 437 11.33 -27.55 -23.55
N SER A 438 10.50 -28.25 -24.30
CA SER A 438 10.61 -28.34 -25.75
C SER A 438 9.86 -27.20 -26.42
N GLU A 439 10.13 -27.02 -27.72
CA GLU A 439 9.34 -26.09 -28.51
C GLU A 439 7.91 -26.61 -28.69
N THR A 440 7.74 -27.93 -28.66
CA THR A 440 6.41 -28.51 -28.57
C THR A 440 5.65 -27.98 -27.36
N ASP A 441 6.35 -27.81 -26.24
CA ASP A 441 5.70 -27.47 -24.98
C ASP A 441 5.31 -26.00 -24.91
N LEU A 442 6.08 -25.12 -25.55
CA LEU A 442 5.86 -23.67 -25.49
C LEU A 442 4.38 -23.32 -25.59
N ALA A 443 3.63 -24.01 -26.45
CA ALA A 443 2.23 -23.68 -26.64
C ALA A 443 1.39 -23.96 -25.40
N GLY A 444 1.88 -24.77 -24.47
CA GLY A 444 1.12 -25.14 -23.29
C GLY A 444 0.60 -23.96 -22.50
N ARG A 445 1.49 -23.26 -21.80
CA ARG A 445 1.15 -22.06 -21.02
C ARG A 445 2.13 -20.97 -21.44
N TYR A 446 1.87 -20.34 -22.57
CA TYR A 446 2.68 -19.21 -23.04
C TYR A 446 1.92 -17.91 -22.76
N GLU A 447 1.86 -17.57 -21.47
CA GLU A 447 0.95 -16.54 -20.99
C GLU A 447 1.52 -15.13 -21.03
N THR A 448 2.77 -14.95 -21.48
CA THR A 448 3.39 -13.63 -21.41
C THR A 448 2.76 -12.67 -22.42
N ALA A 449 2.88 -11.39 -22.12
CA ALA A 449 2.39 -10.31 -22.97
C ALA A 449 3.50 -9.63 -23.76
N CYS A 450 4.75 -10.04 -23.55
CA CYS A 450 5.85 -9.48 -24.32
C CYS A 450 6.98 -10.50 -24.44
N ASP A 451 8.06 -10.29 -23.69
CA ASP A 451 9.19 -11.21 -23.74
C ASP A 451 8.86 -12.49 -22.98
N PRO A 452 9.56 -13.58 -23.30
CA PRO A 452 9.39 -14.81 -22.54
C PRO A 452 10.13 -14.73 -21.21
N ARG A 453 9.53 -15.29 -20.17
CA ARG A 453 10.08 -15.26 -18.83
C ARG A 453 10.51 -16.65 -18.39
N LEU A 454 11.56 -16.69 -17.59
CA LEU A 454 11.81 -17.85 -16.75
C LEU A 454 10.60 -18.08 -15.85
N ASN A 455 10.14 -19.32 -15.78
CA ASN A 455 9.03 -19.62 -14.89
C ASN A 455 9.58 -19.81 -13.47
N THR A 456 8.67 -20.15 -12.54
CA THR A 456 9.04 -20.21 -11.14
C THR A 456 10.19 -21.18 -10.91
N GLN A 457 10.07 -22.40 -11.45
CA GLN A 457 11.11 -23.41 -11.25
C GLN A 457 12.41 -22.98 -11.91
N GLN A 458 12.33 -22.40 -13.10
CA GLN A 458 13.55 -22.02 -13.81
C GLN A 458 14.27 -20.89 -13.10
N SER A 459 13.53 -19.88 -12.62
CA SER A 459 14.17 -18.79 -11.90
C SER A 459 14.88 -19.29 -10.65
N LEU A 460 14.25 -20.22 -9.91
CA LEU A 460 14.95 -20.75 -8.72
C LEU A 460 16.21 -21.51 -9.13
N GLU A 461 16.10 -22.39 -10.13
CA GLU A 461 17.26 -23.05 -10.72
C GLU A 461 18.41 -22.07 -10.98
N LEU A 462 18.09 -20.99 -11.70
CA LEU A 462 19.10 -19.99 -11.99
C LEU A 462 19.70 -19.43 -10.71
N ALA A 463 18.88 -19.25 -9.67
CA ALA A 463 19.42 -18.72 -8.43
C ALA A 463 20.47 -19.67 -7.86
N PHE A 464 20.21 -20.97 -7.89
CA PHE A 464 21.21 -21.92 -7.38
C PHE A 464 22.50 -21.87 -8.19
N LEU A 465 22.38 -21.80 -9.52
CA LEU A 465 23.59 -21.78 -10.34
C LEU A 465 24.41 -20.51 -10.08
N VAL A 466 23.73 -19.37 -10.02
CA VAL A 466 24.42 -18.12 -9.71
C VAL A 466 25.05 -18.18 -8.32
N ALA A 467 24.36 -18.84 -7.38
CA ALA A 467 24.92 -19.08 -6.06
C ALA A 467 26.25 -19.80 -6.15
N GLU A 468 26.32 -20.88 -6.92
CA GLU A 468 27.62 -21.53 -7.11
C GLU A 468 28.63 -20.56 -7.73
N MET A 469 28.18 -19.67 -8.63
CA MET A 469 29.12 -18.71 -9.20
C MET A 469 29.73 -17.82 -8.13
N LEU A 470 28.94 -17.40 -7.14
CA LEU A 470 29.46 -16.48 -6.14
C LEU A 470 30.43 -17.14 -5.17
N ARG A 471 30.38 -18.47 -5.02
CA ARG A 471 31.35 -19.19 -4.19
C ARG A 471 32.65 -19.50 -4.95
N MET B 11 -12.19 13.09 -19.40
CA MET B 11 -13.42 12.99 -18.57
C MET B 11 -13.44 11.73 -17.70
N ASN B 12 -12.79 10.66 -18.15
CA ASN B 12 -12.98 9.39 -17.46
C ASN B 12 -11.97 8.35 -17.94
N TRP B 13 -11.62 7.43 -17.04
CA TRP B 13 -10.91 6.21 -17.40
C TRP B 13 -11.89 5.04 -17.45
N THR B 14 -11.41 3.92 -17.97
CA THR B 14 -12.25 2.79 -18.33
C THR B 14 -11.69 1.51 -17.74
N VAL B 15 -12.59 0.56 -17.44
CA VAL B 15 -12.22 -0.75 -16.92
C VAL B 15 -12.94 -1.83 -17.71
N ASP B 16 -12.24 -2.91 -17.98
CA ASP B 16 -12.82 -4.09 -18.61
C ASP B 16 -13.40 -5.02 -17.55
N ILE B 17 -14.33 -5.87 -17.97
CA ILE B 17 -15.05 -6.74 -17.05
C ILE B 17 -14.71 -8.20 -17.36
N PRO B 18 -14.11 -8.96 -16.43
CA PRO B 18 -13.83 -10.38 -16.69
C PRO B 18 -15.09 -11.21 -16.88
N SER B 24 -10.14 -15.98 -11.97
CA SER B 24 -11.38 -15.75 -11.25
C SER B 24 -11.22 -16.08 -9.76
N LEU B 25 -12.38 -16.03 -8.98
CA LEU B 25 -12.40 -16.40 -7.57
C LEU B 25 -12.66 -17.89 -7.41
N PRO B 26 -12.16 -18.50 -6.33
CA PRO B 26 -12.42 -19.92 -6.09
C PRO B 26 -13.74 -20.12 -5.39
N PRO B 27 -14.35 -21.30 -5.52
CA PRO B 27 -15.70 -21.49 -4.97
C PRO B 27 -15.67 -21.60 -3.46
N LEU B 28 -16.68 -21.02 -2.83
CA LEU B 28 -16.76 -21.06 -1.38
C LEU B 28 -17.05 -22.47 -0.88
N PRO B 29 -16.47 -22.87 0.26
CA PRO B 29 -17.05 -23.99 1.00
C PRO B 29 -18.56 -23.85 1.05
N THR B 30 -19.29 -24.96 0.88
CA THR B 30 -20.72 -24.88 0.69
C THR B 30 -21.41 -24.22 1.88
N ASP B 31 -20.88 -24.42 3.08
CA ASP B 31 -21.50 -23.83 4.27
C ASP B 31 -21.31 -22.32 4.31
N LEU B 32 -20.11 -21.84 3.96
CA LEU B 32 -19.89 -20.40 3.89
C LEU B 32 -20.80 -19.76 2.85
N ARG B 33 -20.94 -20.42 1.69
CA ARG B 33 -21.86 -19.95 0.67
C ARG B 33 -23.27 -19.84 1.24
N THR B 34 -23.75 -20.90 1.88
CA THR B 34 -25.11 -20.92 2.41
C THR B 34 -25.32 -19.82 3.45
N ARG B 35 -24.35 -19.63 4.36
CA ARG B 35 -24.53 -18.64 5.41
C ARG B 35 -24.46 -17.23 4.85
N LEU B 36 -23.56 -17.00 3.90
CA LEU B 36 -23.45 -15.70 3.26
C LEU B 36 -24.73 -15.37 2.49
N ASP B 37 -25.19 -16.30 1.65
CA ASP B 37 -26.46 -16.15 0.95
C ASP B 37 -27.58 -15.85 1.94
N ALA B 38 -27.68 -16.67 2.99
CA ALA B 38 -28.70 -16.46 4.00
C ALA B 38 -28.61 -15.07 4.58
N ALA B 39 -27.40 -14.54 4.72
CA ALA B 39 -27.18 -13.25 5.36
C ALA B 39 -27.63 -12.10 4.46
N LEU B 40 -27.21 -12.13 3.19
CA LEU B 40 -27.55 -11.02 2.29
C LEU B 40 -28.99 -11.05 1.85
N ALA B 41 -29.69 -12.16 2.04
CA ALA B 41 -31.12 -12.21 1.76
C ALA B 41 -31.91 -11.33 2.72
N LYS B 42 -31.42 -11.17 3.94
CA LYS B 42 -32.16 -10.43 4.94
C LYS B 42 -32.29 -8.95 4.53
N PRO B 43 -33.31 -8.26 5.01
CA PRO B 43 -33.44 -6.85 4.64
C PRO B 43 -32.24 -6.05 5.09
N ALA B 44 -31.94 -5.00 4.33
CA ALA B 44 -30.75 -4.19 4.55
C ALA B 44 -31.12 -2.73 4.42
N ALA B 45 -30.93 -1.98 5.50
CA ALA B 45 -31.30 -0.58 5.53
C ALA B 45 -30.22 0.28 4.87
N GLN B 46 -30.64 1.49 4.47
CA GLN B 46 -29.74 2.53 3.97
C GLN B 46 -28.86 2.04 2.83
N GLN B 47 -29.42 1.24 1.93
CA GLN B 47 -28.64 0.80 0.79
C GLN B 47 -28.77 1.75 -0.38
N PRO B 48 -27.78 1.79 -1.27
CA PRO B 48 -27.96 2.50 -2.54
C PRO B 48 -29.08 1.90 -3.36
N THR B 49 -29.88 2.77 -3.98
CA THR B 49 -30.97 2.36 -4.85
C THR B 49 -30.45 2.49 -6.28
N TRP B 50 -29.95 1.40 -6.83
CA TRP B 50 -29.35 1.45 -8.16
C TRP B 50 -29.48 0.08 -8.81
N PRO B 51 -29.34 0.01 -10.14
CA PRO B 51 -29.67 -1.25 -10.84
C PRO B 51 -28.80 -2.42 -10.40
N ALA B 52 -29.45 -3.58 -10.26
CA ALA B 52 -28.71 -4.81 -10.00
C ALA B 52 -27.77 -5.15 -11.16
N ASP B 53 -28.24 -4.97 -12.39
CA ASP B 53 -27.40 -5.23 -13.57
C ASP B 53 -26.01 -4.63 -13.39
N GLN B 54 -25.96 -3.36 -12.98
CA GLN B 54 -24.71 -2.63 -12.94
C GLN B 54 -23.90 -2.95 -11.68
N ALA B 55 -24.58 -3.05 -10.54
CA ALA B 55 -23.89 -3.41 -9.31
C ALA B 55 -23.18 -4.75 -9.47
N LEU B 56 -23.79 -5.71 -10.16
CA LEU B 56 -23.11 -6.97 -10.42
C LEU B 56 -21.81 -6.74 -11.17
N ALA B 57 -21.87 -5.91 -12.22
CA ALA B 57 -20.68 -5.62 -13.02
C ALA B 57 -19.55 -5.10 -12.15
N MET B 58 -19.83 -4.03 -11.41
CA MET B 58 -18.84 -3.46 -10.51
C MET B 58 -18.30 -4.53 -9.56
N ARG B 59 -19.20 -5.32 -8.97
CA ARG B 59 -18.76 -6.38 -8.08
C ARG B 59 -17.80 -7.32 -8.78
N THR B 60 -18.03 -7.63 -10.05
CA THR B 60 -17.15 -8.53 -10.76
C THR B 60 -15.76 -7.91 -10.92
N VAL B 61 -15.71 -6.60 -11.18
CA VAL B 61 -14.41 -5.92 -11.18
C VAL B 61 -13.74 -6.07 -9.82
N LEU B 62 -14.45 -5.72 -8.75
CA LEU B 62 -13.86 -5.73 -7.41
C LEU B 62 -13.50 -7.13 -6.93
N GLU B 63 -14.11 -8.17 -7.48
CA GLU B 63 -13.85 -9.52 -7.00
C GLU B 63 -12.48 -10.02 -7.40
N SER B 64 -11.78 -9.29 -8.28
CA SER B 64 -10.48 -9.74 -8.77
C SER B 64 -9.39 -8.70 -8.60
N VAL B 65 -9.60 -7.68 -7.75
CA VAL B 65 -8.57 -6.68 -7.48
C VAL B 65 -7.69 -7.13 -6.32
N PRO B 66 -6.52 -6.51 -6.13
CA PRO B 66 -5.74 -6.74 -4.90
C PRO B 66 -6.44 -6.12 -3.70
N PRO B 67 -6.50 -6.82 -2.58
CA PRO B 67 -7.24 -6.30 -1.43
C PRO B 67 -6.52 -5.15 -0.74
N VAL B 68 -7.29 -4.36 0.00
CA VAL B 68 -6.70 -3.28 0.77
C VAL B 68 -5.84 -3.85 1.90
N THR B 69 -6.33 -4.89 2.57
CA THR B 69 -5.62 -5.55 3.68
C THR B 69 -5.52 -7.04 3.39
N VAL B 70 -4.80 -7.76 4.24
CA VAL B 70 -4.65 -9.20 4.08
C VAL B 70 -4.98 -9.87 5.39
N PRO B 71 -5.33 -11.17 5.34
CA PRO B 71 -5.81 -11.84 6.58
C PRO B 71 -4.82 -11.81 7.73
N SER B 72 -3.56 -12.18 7.47
CA SER B 72 -2.51 -12.15 8.48
C SER B 72 -2.54 -10.88 9.36
N GLU B 73 -2.74 -9.71 8.75
CA GLU B 73 -2.82 -8.47 9.52
C GLU B 73 -4.07 -8.42 10.38
N ILE B 74 -5.17 -9.02 9.90
CA ILE B 74 -6.43 -8.95 10.62
C ILE B 74 -6.40 -9.85 11.84
N VAL B 75 -5.77 -11.03 11.74
CA VAL B 75 -5.70 -11.84 12.96
C VAL B 75 -4.69 -11.23 13.92
N ARG B 76 -3.63 -10.59 13.39
CA ARG B 76 -2.74 -9.83 14.28
C ARG B 76 -3.51 -8.76 15.05
N LEU B 77 -4.31 -7.95 14.33
CA LEU B 77 -5.15 -6.97 15.00
C LEU B 77 -6.07 -7.63 16.01
N GLN B 78 -6.53 -8.85 15.72
CA GLN B 78 -7.43 -9.54 16.64
C GLN B 78 -6.72 -9.81 17.96
N GLU B 79 -5.51 -10.37 17.90
CA GLU B 79 -4.72 -10.59 19.12
C GLU B 79 -4.49 -9.28 19.87
N GLN B 80 -4.03 -8.25 19.15
CA GLN B 80 -3.80 -6.95 19.78
C GLN B 80 -5.06 -6.44 20.48
N LEU B 81 -6.23 -6.64 19.88
CA LEU B 81 -7.48 -6.17 20.48
C LEU B 81 -7.90 -7.05 21.65
N ALA B 82 -7.57 -8.34 21.58
CA ALA B 82 -7.79 -9.21 22.73
C ALA B 82 -7.14 -8.61 23.95
N GLN B 83 -5.92 -8.08 23.80
CA GLN B 83 -5.29 -7.46 24.96
C GLN B 83 -6.10 -6.26 25.48
N VAL B 84 -6.76 -5.51 24.59
CA VAL B 84 -7.62 -4.42 25.05
C VAL B 84 -8.77 -4.99 25.89
N ALA B 85 -9.44 -6.02 25.38
CA ALA B 85 -10.60 -6.57 26.09
C ALA B 85 -10.23 -7.04 27.48
N LYS B 86 -9.04 -7.63 27.63
CA LYS B 86 -8.58 -8.13 28.91
C LYS B 86 -8.09 -7.02 29.84
N GLY B 87 -8.13 -5.76 29.42
CA GLY B 87 -7.74 -4.65 30.27
C GLY B 87 -6.29 -4.19 30.16
N GLU B 88 -5.54 -4.69 29.19
CA GLU B 88 -4.10 -4.48 29.15
C GLU B 88 -3.62 -3.62 27.98
N ALA B 89 -4.54 -3.02 27.22
CA ALA B 89 -4.17 -2.03 26.21
C ALA B 89 -5.35 -1.09 26.02
N PHE B 90 -5.25 -0.21 25.04
CA PHE B 90 -6.24 0.85 24.87
C PHE B 90 -6.44 1.12 23.38
N LEU B 91 -7.69 1.33 22.99
CA LEU B 91 -8.06 1.44 21.58
C LEU B 91 -8.27 2.89 21.20
N LEU B 92 -7.60 3.33 20.14
CA LEU B 92 -7.73 4.68 19.63
C LEU B 92 -8.19 4.61 18.18
N GLN B 93 -9.42 5.05 17.91
CA GLN B 93 -9.99 5.04 16.58
C GLN B 93 -10.35 6.47 16.20
N GLY B 94 -9.87 6.91 15.04
CA GLY B 94 -10.12 8.30 14.67
C GLY B 94 -9.82 8.54 13.20
N GLY B 95 -10.28 9.67 12.72
CA GLY B 95 -10.11 10.05 11.32
C GLY B 95 -11.31 10.83 10.82
N ASP B 96 -11.35 11.00 9.50
CA ASP B 96 -12.43 11.75 8.89
C ASP B 96 -13.77 11.10 9.17
N CYS B 97 -14.80 11.92 9.39
CA CYS B 97 -16.17 11.42 9.36
C CYS B 97 -16.48 10.83 8.00
N ALA B 98 -16.31 11.63 6.95
CA ALA B 98 -16.58 11.21 5.58
C ALA B 98 -15.36 11.56 4.74
N GLU B 99 -14.65 10.55 4.25
CA GLU B 99 -13.60 10.79 3.29
C GLU B 99 -14.21 11.24 1.97
N THR B 100 -13.45 12.01 1.19
CA THR B 100 -13.86 12.40 -0.14
C THR B 100 -12.75 12.07 -1.12
N PHE B 101 -13.16 11.75 -2.34
CA PHE B 101 -12.18 11.52 -3.40
C PHE B 101 -11.36 12.77 -3.65
N MET B 102 -11.94 13.94 -3.44
CA MET B 102 -11.30 15.20 -3.74
C MET B 102 -10.27 15.60 -2.69
N ASP B 103 -10.40 15.11 -1.47
CA ASP B 103 -9.41 15.38 -0.43
C ASP B 103 -8.45 14.22 -0.22
N ASN B 104 -8.49 13.20 -1.09
CA ASN B 104 -7.63 12.03 -0.96
C ASN B 104 -6.24 12.33 -1.54
N THR B 105 -5.57 13.28 -0.89
CA THR B 105 -4.28 13.78 -1.30
C THR B 105 -3.24 13.44 -0.23
N GLU B 106 -1.97 13.38 -0.65
CA GLU B 106 -0.90 13.13 0.31
C GLU B 106 -0.93 14.10 1.49
N PRO B 107 -1.14 15.40 1.30
CA PRO B 107 -1.15 16.31 2.47
C PRO B 107 -2.19 15.96 3.50
N HIS B 108 -3.40 15.60 3.06
CA HIS B 108 -4.50 15.34 3.97
C HIS B 108 -4.36 13.99 4.68
N ILE B 109 -3.97 12.95 3.93
CA ILE B 109 -3.66 11.66 4.55
C ILE B 109 -2.55 11.83 5.57
N ARG B 110 -1.43 12.43 5.15
CA ARG B 110 -0.34 12.72 6.07
C ARG B 110 -0.83 13.49 7.28
N GLY B 111 -1.83 14.35 7.09
CA GLY B 111 -2.33 15.12 8.21
C GLY B 111 -3.11 14.28 9.20
N ASN B 112 -3.92 13.35 8.69
CA ASN B 112 -4.69 12.49 9.57
C ASN B 112 -3.79 11.51 10.31
N VAL B 113 -2.89 10.84 9.59
CA VAL B 113 -1.90 9.98 10.25
C VAL B 113 -1.18 10.76 11.33
N ARG B 114 -0.69 11.96 10.99
CA ARG B 114 0.01 12.79 11.97
C ARG B 114 -0.84 13.01 13.22
N ALA B 115 -2.05 13.56 13.05
CA ALA B 115 -2.92 13.84 14.18
C ALA B 115 -3.11 12.61 15.07
N LEU B 116 -3.53 11.50 14.45
CA LEU B 116 -3.77 10.27 15.18
C LEU B 116 -2.53 9.86 15.97
N LEU B 117 -1.35 9.92 15.35
CA LEU B 117 -0.12 9.53 16.01
C LEU B 117 0.17 10.43 17.21
N GLN B 118 0.02 11.75 17.03
CA GLN B 118 0.21 12.67 18.13
C GLN B 118 -0.68 12.29 19.31
N MET B 119 -1.96 12.00 19.04
CA MET B 119 -2.84 11.57 20.13
C MET B 119 -2.35 10.28 20.77
N ALA B 120 -1.85 9.34 19.96
CA ALA B 120 -1.49 8.04 20.47
C ALA B 120 -0.26 8.10 21.37
N VAL B 121 0.68 9.01 21.10
CA VAL B 121 1.80 9.15 22.04
C VAL B 121 1.25 9.47 23.43
N VAL B 122 0.43 10.51 23.50
CA VAL B 122 -0.08 10.99 24.78
C VAL B 122 -0.88 9.91 25.48
N LEU B 123 -1.73 9.20 24.72
CA LEU B 123 -2.55 8.16 25.35
C LEU B 123 -1.72 6.96 25.76
N THR B 124 -0.66 6.64 25.01
CA THR B 124 0.24 5.59 25.44
C THR B 124 0.85 5.96 26.79
N TYR B 125 1.38 7.17 26.90
CA TYR B 125 2.04 7.54 28.15
C TYR B 125 1.05 7.60 29.31
N GLY B 126 -0.18 8.03 29.05
CA GLY B 126 -1.16 8.20 30.11
C GLY B 126 -1.85 6.93 30.55
N ALA B 127 -2.10 6.02 29.60
CA ALA B 127 -2.64 4.72 29.94
C ALA B 127 -1.58 3.80 30.52
N SER B 128 -0.30 4.14 30.36
CA SER B 128 0.80 3.26 30.80
C SER B 128 0.63 1.87 30.21
N MET B 129 0.12 1.81 28.99
CA MET B 129 -0.08 0.54 28.30
C MET B 129 -0.21 0.81 26.82
N PRO B 130 -0.06 -0.22 25.98
CA PRO B 130 -0.06 0.00 24.53
C PRO B 130 -1.37 0.58 24.02
N VAL B 131 -1.26 1.29 22.90
CA VAL B 131 -2.40 1.87 22.21
C VAL B 131 -2.42 1.27 20.81
N VAL B 132 -3.47 0.54 20.50
CA VAL B 132 -3.65 0.04 19.14
C VAL B 132 -4.40 1.11 18.37
N LYS B 133 -3.87 1.47 17.19
CA LYS B 133 -4.23 2.70 16.52
C LYS B 133 -4.97 2.38 15.23
N VAL B 134 -6.23 2.81 15.15
CA VAL B 134 -7.12 2.46 14.05
C VAL B 134 -7.62 3.76 13.43
N ALA B 135 -7.37 3.93 12.14
CA ALA B 135 -7.81 5.12 11.44
C ALA B 135 -9.17 4.89 10.78
N ARG B 136 -9.99 5.94 10.76
CA ARG B 136 -11.14 5.97 9.87
C ARG B 136 -10.59 6.47 8.54
N ILE B 137 -10.33 5.54 7.62
CA ILE B 137 -9.59 5.87 6.41
C ILE B 137 -9.64 4.69 5.44
N ALA B 138 -9.24 4.95 4.21
CA ALA B 138 -9.22 3.96 3.13
C ALA B 138 -10.51 3.14 3.10
N GLY B 139 -11.64 3.84 3.18
CA GLY B 139 -12.90 3.18 2.92
C GLY B 139 -14.12 3.86 3.49
N GLN B 140 -13.92 4.91 4.29
CA GLN B 140 -15.03 5.59 4.95
C GLN B 140 -15.71 6.56 3.97
N TYR B 141 -16.29 5.98 2.91
CA TYR B 141 -16.84 6.74 1.80
C TYR B 141 -18.36 6.68 1.71
N ALA B 142 -19.05 6.06 2.67
CA ALA B 142 -20.50 5.92 2.62
C ALA B 142 -21.08 6.26 3.98
N LYS B 143 -22.29 6.82 3.99
CA LYS B 143 -22.88 7.21 5.27
C LYS B 143 -24.38 6.98 5.24
N PRO B 144 -24.99 6.71 6.39
CA PRO B 144 -26.44 6.64 6.47
C PRO B 144 -27.04 8.02 6.68
N ARG B 145 -28.26 8.19 6.18
CA ARG B 145 -29.02 9.41 6.39
C ARG B 145 -30.38 9.07 6.97
N SER B 146 -30.94 10.01 7.73
CA SER B 146 -32.25 9.84 8.32
C SER B 146 -33.38 10.18 7.35
N ALA B 147 -33.09 11.00 6.33
CA ALA B 147 -34.06 11.40 5.33
C ALA B 147 -33.46 11.25 3.94
N ASP B 148 -34.24 10.74 2.98
CA ASP B 148 -33.73 10.64 1.62
C ASP B 148 -33.85 11.96 0.87
N ILE B 149 -34.52 12.97 1.43
CA ILE B 149 -34.51 14.32 0.89
C ILE B 149 -33.92 15.23 1.95
N ASP B 150 -32.81 15.88 1.63
CA ASP B 150 -32.14 16.77 2.56
C ASP B 150 -32.89 18.10 2.61
N ALA B 151 -32.27 19.12 3.22
CA ALA B 151 -32.90 20.40 3.47
C ALA B 151 -32.95 21.31 2.24
N LEU B 152 -32.79 20.76 1.03
CA LEU B 152 -32.82 21.55 -0.18
C LEU B 152 -33.70 20.92 -1.26
N GLY B 153 -34.40 19.83 -0.97
CA GLY B 153 -35.17 19.14 -1.96
C GLY B 153 -34.37 18.22 -2.84
N LEU B 154 -33.08 18.05 -2.56
CA LEU B 154 -32.24 17.13 -3.31
C LEU B 154 -32.18 15.78 -2.61
N ARG B 155 -32.12 14.72 -3.39
CA ARG B 155 -31.72 13.43 -2.83
C ARG B 155 -30.51 13.64 -1.93
N SER B 156 -30.55 13.05 -0.75
CA SER B 156 -29.51 13.30 0.24
C SER B 156 -28.17 12.76 -0.26
N TYR B 157 -27.10 13.47 0.12
CA TYR B 157 -25.75 12.99 -0.08
C TYR B 157 -25.47 11.84 0.87
N ARG B 158 -24.88 10.77 0.34
CA ARG B 158 -24.65 9.56 1.11
C ARG B 158 -23.19 9.10 1.05
N GLY B 159 -22.26 10.00 0.75
CA GLY B 159 -20.85 9.65 0.64
C GLY B 159 -20.42 9.40 -0.79
N ASP B 160 -19.15 9.73 -1.08
CA ASP B 160 -18.63 9.63 -2.43
C ASP B 160 -18.73 8.22 -3.01
N MET B 161 -18.99 7.19 -2.20
CA MET B 161 -19.17 5.85 -2.73
C MET B 161 -20.51 5.69 -3.43
N ILE B 162 -21.45 6.59 -3.17
CA ILE B 162 -22.84 6.45 -3.59
C ILE B 162 -23.24 7.54 -4.58
N ASN B 163 -23.02 8.79 -4.21
CA ASN B 163 -23.43 9.92 -5.03
C ASN B 163 -22.49 11.09 -4.73
N GLY B 164 -22.82 12.27 -5.27
CA GLY B 164 -21.95 13.42 -5.19
C GLY B 164 -22.36 14.43 -4.15
N PHE B 165 -21.36 15.11 -3.58
CA PHE B 165 -21.63 16.15 -2.58
C PHE B 165 -22.29 17.35 -3.23
N ALA B 166 -21.74 17.84 -4.33
CA ALA B 166 -22.27 18.97 -5.09
C ALA B 166 -23.79 18.96 -5.05
N PRO B 167 -24.46 20.13 -4.66
CA PRO B 167 -25.94 20.18 -4.61
C PRO B 167 -26.56 20.34 -5.99
N ASP B 168 -26.39 19.33 -6.84
CA ASP B 168 -27.02 19.29 -8.15
C ASP B 168 -27.76 17.98 -8.28
N ALA B 169 -29.05 18.06 -8.59
CA ALA B 169 -29.88 16.90 -8.92
C ALA B 169 -29.11 15.73 -9.48
N ALA B 170 -28.35 15.96 -10.55
CA ALA B 170 -27.70 14.86 -11.23
C ALA B 170 -26.50 14.34 -10.44
N ALA B 171 -25.85 15.22 -9.68
CA ALA B 171 -24.77 14.79 -8.81
C ALA B 171 -25.25 13.78 -7.78
N ARG B 172 -26.48 13.91 -7.32
CA ARG B 172 -27.04 13.08 -6.26
C ARG B 172 -27.60 11.75 -6.77
N GLU B 173 -27.53 11.48 -8.07
CA GLU B 173 -27.96 10.18 -8.56
C GLU B 173 -27.01 9.10 -8.07
N HIS B 174 -27.54 7.93 -7.75
CA HIS B 174 -26.74 6.85 -7.21
C HIS B 174 -25.99 6.16 -8.35
N ASP B 175 -24.66 6.29 -8.34
CA ASP B 175 -23.82 5.88 -9.46
C ASP B 175 -22.96 4.68 -9.08
N PRO B 176 -23.25 3.47 -9.60
CA PRO B 176 -22.49 2.29 -9.17
C PRO B 176 -21.01 2.32 -9.51
N SER B 177 -20.59 3.15 -10.45
CA SER B 177 -19.17 3.24 -10.76
C SER B 177 -18.38 3.78 -9.58
N ARG B 178 -19.02 4.52 -8.67
CA ARG B 178 -18.34 4.96 -7.47
C ARG B 178 -17.88 3.80 -6.60
N LEU B 179 -18.41 2.59 -6.82
CA LEU B 179 -17.89 1.44 -6.10
C LEU B 179 -16.43 1.20 -6.47
N VAL B 180 -16.06 1.43 -7.73
CA VAL B 180 -14.69 1.16 -8.17
C VAL B 180 -13.76 2.31 -7.77
N ARG B 181 -14.19 3.55 -8.04
CA ARG B 181 -13.48 4.71 -7.50
C ARG B 181 -13.17 4.51 -6.03
N ALA B 182 -14.19 4.21 -5.23
CA ALA B 182 -13.99 4.05 -3.79
C ALA B 182 -12.84 3.11 -3.50
N TYR B 183 -12.74 2.01 -4.26
CA TYR B 183 -11.64 1.08 -4.01
C TYR B 183 -10.32 1.71 -4.42
N ALA B 184 -10.28 2.31 -5.60
CA ALA B 184 -9.05 2.87 -6.12
C ALA B 184 -8.48 3.93 -5.19
N ASN B 185 -9.33 4.81 -4.67
CA ASN B 185 -8.87 5.75 -3.64
C ASN B 185 -8.41 5.00 -2.40
N ALA B 186 -9.23 4.08 -1.91
CA ALA B 186 -8.92 3.32 -0.71
C ALA B 186 -7.52 2.74 -0.80
N SER B 187 -7.33 1.81 -1.74
CA SER B 187 -6.01 1.25 -2.01
C SER B 187 -4.93 2.33 -2.01
N ALA B 188 -5.14 3.38 -2.81
CA ALA B 188 -4.12 4.41 -2.92
C ALA B 188 -3.78 4.98 -1.54
N ALA B 189 -4.79 5.42 -0.80
CA ALA B 189 -4.54 5.97 0.52
C ALA B 189 -3.81 4.95 1.39
N MET B 190 -4.26 3.70 1.35
CA MET B 190 -3.64 2.70 2.21
C MET B 190 -2.19 2.53 1.81
N ASN B 191 -1.91 2.50 0.50
CA ASN B 191 -0.53 2.39 0.07
C ASN B 191 0.30 3.45 0.75
N LEU B 192 -0.25 4.67 0.82
CA LEU B 192 0.50 5.78 1.39
C LEU B 192 0.72 5.58 2.87
N VAL B 193 -0.32 5.18 3.63
CA VAL B 193 -0.16 5.19 5.08
C VAL B 193 0.83 4.10 5.49
N ARG B 194 0.66 2.88 4.96
CA ARG B 194 1.71 1.87 5.07
C ARG B 194 3.07 2.52 4.93
N ALA B 195 3.29 3.13 3.76
CA ALA B 195 4.58 3.74 3.47
C ALA B 195 4.98 4.72 4.57
N LEU B 196 4.11 5.69 4.86
CA LEU B 196 4.43 6.66 5.89
C LEU B 196 4.81 5.95 7.17
N THR B 197 3.94 5.04 7.64
CA THR B 197 4.17 4.47 8.96
C THR B 197 5.43 3.62 8.99
N SER B 198 5.83 3.07 7.86
CA SER B 198 7.01 2.22 7.86
C SER B 198 8.30 2.99 7.63
N SER B 199 8.20 4.27 7.27
CA SER B 199 9.35 4.96 6.69
C SER B 199 9.76 6.22 7.44
N GLY B 200 9.17 6.50 8.60
CA GLY B 200 9.71 7.54 9.45
C GLY B 200 8.72 8.54 9.98
N LEU B 201 7.56 8.67 9.34
CA LEU B 201 6.55 9.57 9.86
C LEU B 201 6.13 9.18 11.27
N ALA B 202 6.13 7.88 11.56
CA ALA B 202 5.66 7.37 12.83
C ALA B 202 6.81 7.13 13.81
N SER B 203 7.98 7.71 13.55
CA SER B 203 9.05 7.71 14.54
C SER B 203 8.57 8.44 15.78
N LEU B 204 8.79 7.84 16.95
CA LEU B 204 8.20 8.36 18.18
C LEU B 204 8.80 9.71 18.57
N HIS B 205 10.11 9.89 18.37
CA HIS B 205 10.74 11.17 18.65
C HIS B 205 10.22 12.27 17.73
N LEU B 206 10.00 11.94 16.46
CA LEU B 206 9.51 12.94 15.51
C LEU B 206 8.10 13.38 15.85
N VAL B 207 7.29 12.51 16.45
CA VAL B 207 5.91 12.88 16.80
C VAL B 207 5.89 13.65 18.11
N HIS B 208 6.68 13.23 19.10
CA HIS B 208 6.80 14.04 20.30
C HIS B 208 7.23 15.45 19.95
N ASP B 209 8.13 15.60 18.97
CA ASP B 209 8.56 16.95 18.59
C ASP B 209 7.37 17.83 18.22
N TRP B 210 6.50 17.32 17.35
CA TRP B 210 5.30 18.06 16.98
C TRP B 210 4.45 18.39 18.20
N ASN B 211 4.39 17.47 19.17
CA ASN B 211 3.61 17.75 20.37
C ASN B 211 4.21 18.89 21.19
N ARG B 212 5.53 18.90 21.34
CA ARG B 212 6.22 20.00 22.00
C ARG B 212 5.93 21.32 21.29
N GLU B 213 5.94 21.30 19.96
CA GLU B 213 5.55 22.48 19.18
C GLU B 213 4.14 22.95 19.54
N PHE B 214 3.20 22.01 19.63
CA PHE B 214 1.83 22.35 20.02
C PHE B 214 1.81 23.07 21.37
N VAL B 215 2.46 22.48 22.38
CA VAL B 215 2.50 23.14 23.69
C VAL B 215 3.08 24.55 23.57
N ARG B 216 4.14 24.70 22.77
CA ARG B 216 4.80 26.00 22.69
C ARG B 216 3.87 27.07 22.10
N THR B 217 3.10 26.72 21.07
CA THR B 217 2.32 27.73 20.37
C THR B 217 0.83 27.72 20.72
N SER B 218 0.31 26.67 21.35
CA SER B 218 -1.09 26.69 21.75
C SER B 218 -1.35 27.86 22.69
N PRO B 219 -2.58 28.37 22.72
CA PRO B 219 -2.95 29.31 23.80
C PRO B 219 -2.91 28.67 25.17
N ALA B 220 -3.49 27.48 25.31
CA ALA B 220 -3.48 26.73 26.56
C ALA B 220 -2.21 25.91 26.75
N GLY B 221 -1.10 26.33 26.15
CA GLY B 221 0.16 25.62 26.37
C GLY B 221 0.42 25.34 27.84
N ALA B 222 0.20 26.34 28.70
CA ALA B 222 0.46 26.16 30.13
C ALA B 222 -0.35 25.00 30.69
N ARG B 223 -1.59 24.83 30.24
CA ARG B 223 -2.42 23.73 30.73
C ARG B 223 -1.70 22.40 30.63
N TYR B 224 -0.86 22.22 29.61
CA TYR B 224 -0.37 20.90 29.24
C TYR B 224 1.15 20.79 29.22
N GLU B 225 1.86 21.89 29.52
CA GLU B 225 3.32 21.84 29.48
C GLU B 225 3.88 20.80 30.44
N ALA B 226 3.32 20.70 31.65
CA ALA B 226 3.85 19.76 32.63
C ALA B 226 3.84 18.34 32.09
N LEU B 227 2.69 17.91 31.55
CA LEU B 227 2.57 16.54 31.07
C LEU B 227 3.40 16.33 29.81
N ALA B 228 3.42 17.32 28.91
CA ALA B 228 4.29 17.21 27.74
C ALA B 228 5.75 17.01 28.16
N THR B 229 6.16 17.68 29.24
CA THR B 229 7.51 17.55 29.74
C THR B 229 7.76 16.17 30.33
N GLU B 230 6.81 15.70 31.14
CA GLU B 230 6.93 14.37 31.71
C GLU B 230 7.04 13.31 30.62
N ILE B 231 6.32 13.49 29.51
CA ILE B 231 6.47 12.58 28.38
C ILE B 231 7.85 12.69 27.77
N ASP B 232 8.34 13.93 27.59
CA ASP B 232 9.69 14.10 27.09
C ASP B 232 10.68 13.32 27.94
N ARG B 233 10.49 13.34 29.25
CA ARG B 233 11.49 12.75 30.13
C ARG B 233 11.36 11.23 30.20
N GLY B 234 10.13 10.71 30.18
CA GLY B 234 9.96 9.28 30.06
C GLY B 234 10.46 8.75 28.74
N LEU B 235 10.57 9.62 27.74
CA LEU B 235 11.08 9.27 26.43
C LEU B 235 12.60 9.31 26.38
N ARG B 236 13.21 10.35 26.96
CA ARG B 236 14.66 10.37 27.15
C ARG B 236 15.12 9.21 28.02
N PHE B 237 14.28 8.81 28.97
CA PHE B 237 14.58 7.67 29.83
C PHE B 237 14.86 6.40 29.03
N MET B 238 14.11 6.19 27.93
CA MET B 238 14.31 5.01 27.10
C MET B 238 15.74 4.98 26.56
N SER B 239 16.21 6.09 26.01
CA SER B 239 17.57 6.15 25.51
C SER B 239 18.57 6.00 26.65
N ALA B 240 18.28 6.62 27.80
CA ALA B 240 19.17 6.50 28.94
C ALA B 240 19.38 5.03 29.32
N CYS B 241 18.30 4.24 29.31
CA CYS B 241 18.40 2.83 29.63
C CYS B 241 18.92 1.99 28.48
N GLY B 242 19.31 2.62 27.37
CA GLY B 242 19.91 1.90 26.27
C GLY B 242 19.02 0.86 25.61
N VAL B 243 17.71 1.05 25.67
CA VAL B 243 16.76 0.19 24.94
C VAL B 243 17.17 0.13 23.47
N ALA B 244 16.68 -0.91 22.78
CA ALA B 244 16.88 -1.05 21.34
C ALA B 244 15.74 -0.35 20.61
N ASP B 245 16.08 0.65 19.81
CA ASP B 245 15.13 1.66 19.38
C ASP B 245 14.30 1.27 18.16
N ARG B 246 14.39 0.04 17.67
CA ARG B 246 13.70 -0.30 16.42
C ARG B 246 12.20 -0.14 16.57
N ASN B 247 11.63 -0.65 17.66
CA ASN B 247 10.19 -0.50 17.88
C ASN B 247 9.77 0.96 17.99
N LEU B 248 10.72 1.86 18.23
CA LEU B 248 10.39 3.27 18.37
C LEU B 248 10.34 4.00 17.03
N GLN B 249 10.74 3.35 15.94
CA GLN B 249 10.86 4.03 14.66
C GLN B 249 9.63 3.84 13.76
N THR B 250 8.70 2.96 14.13
CA THR B 250 7.49 2.74 13.34
C THR B 250 6.33 2.44 14.25
N ALA B 251 5.14 2.43 13.65
CA ALA B 251 3.89 2.16 14.34
C ALA B 251 2.92 1.58 13.32
N GLU B 252 2.01 0.73 13.79
CA GLU B 252 1.00 0.13 12.93
C GLU B 252 -0.27 0.97 13.01
N ILE B 253 -0.75 1.44 11.87
CA ILE B 253 -2.06 2.06 11.75
C ILE B 253 -2.95 1.11 10.96
N TYR B 254 -4.12 0.80 11.51
CA TYR B 254 -5.06 -0.10 10.88
C TYR B 254 -6.22 0.70 10.29
N ALA B 255 -6.73 0.24 9.15
CA ALA B 255 -7.88 0.85 8.50
C ALA B 255 -9.18 0.30 9.05
N SER B 256 -10.14 1.19 9.23
CA SER B 256 -11.50 0.80 9.58
C SER B 256 -12.48 1.72 8.89
N HIS B 257 -13.69 1.22 8.69
CA HIS B 257 -14.79 2.05 8.24
C HIS B 257 -16.09 1.37 8.65
N GLU B 258 -17.19 2.13 8.56
CA GLU B 258 -18.52 1.56 8.77
C GLU B 258 -18.88 0.70 7.56
N ALA B 259 -19.21 -0.56 7.81
CA ALA B 259 -19.66 -1.46 6.74
C ALA B 259 -21.12 -1.13 6.48
N LEU B 260 -21.35 -0.28 5.48
CA LEU B 260 -22.70 0.15 5.13
C LEU B 260 -23.15 -0.40 3.78
N VAL B 261 -22.40 -0.17 2.70
CA VAL B 261 -22.80 -0.61 1.37
C VAL B 261 -22.41 -2.08 1.22
N LEU B 262 -23.40 -2.98 1.37
CA LEU B 262 -23.14 -4.42 1.32
C LEU B 262 -22.72 -4.91 -0.06
N ASP B 263 -23.00 -4.13 -1.11
CA ASP B 263 -22.45 -4.45 -2.43
C ASP B 263 -20.94 -4.30 -2.45
N TYR B 264 -20.40 -3.32 -1.70
CA TYR B 264 -18.95 -3.14 -1.61
C TYR B 264 -18.33 -4.23 -0.75
N GLU B 265 -18.85 -4.42 0.46
CA GLU B 265 -18.27 -5.39 1.38
C GLU B 265 -18.29 -6.79 0.80
N ARG B 266 -19.41 -7.20 0.21
CA ARG B 266 -19.47 -8.55 -0.32
C ARG B 266 -18.46 -8.76 -1.44
N ALA B 267 -18.23 -7.73 -2.26
CA ALA B 267 -17.28 -7.85 -3.35
C ALA B 267 -15.85 -7.81 -2.85
N MET B 268 -15.60 -7.31 -1.64
CA MET B 268 -14.25 -7.29 -1.10
C MET B 268 -13.95 -8.49 -0.20
N LEU B 269 -14.80 -9.50 -0.20
CA LEU B 269 -14.55 -10.69 0.61
C LEU B 269 -13.51 -11.58 -0.05
N ARG B 270 -12.68 -12.20 0.77
CA ARG B 270 -11.75 -13.20 0.28
C ARG B 270 -11.66 -14.30 1.34
N LEU B 271 -11.15 -15.45 0.92
CA LEU B 271 -11.24 -16.68 1.69
C LEU B 271 -9.82 -17.14 2.06
N SER B 272 -9.52 -17.15 3.36
CA SER B 272 -8.22 -17.62 3.83
C SER B 272 -8.42 -18.37 5.14
N ASP B 273 -7.34 -18.75 5.80
CA ASP B 273 -7.47 -19.46 7.08
C ASP B 273 -7.39 -18.48 8.25
N GLY B 277 -7.54 -23.67 12.42
CA GLY B 277 -7.27 -22.88 11.23
C GLY B 277 -7.93 -23.44 9.97
N GLU B 278 -9.24 -23.59 9.99
CA GLU B 278 -10.02 -23.94 8.81
C GLU B 278 -10.37 -22.68 8.02
N PRO B 279 -10.92 -22.83 6.81
CA PRO B 279 -11.11 -21.65 5.96
C PRO B 279 -12.27 -20.77 6.44
N GLN B 280 -12.08 -19.47 6.28
CA GLN B 280 -13.03 -18.45 6.72
C GLN B 280 -13.01 -17.27 5.74
N LEU B 281 -14.09 -16.51 5.79
CA LEU B 281 -14.27 -15.30 5.00
C LEU B 281 -13.74 -14.10 5.76
N PHE B 282 -12.71 -13.46 5.21
CA PHE B 282 -12.27 -12.15 5.68
C PHE B 282 -12.78 -11.07 4.74
N ASP B 283 -13.15 -9.93 5.33
CA ASP B 283 -13.51 -8.73 4.57
C ASP B 283 -12.26 -7.87 4.45
N LEU B 284 -11.69 -7.81 3.26
CA LEU B 284 -10.40 -7.16 3.07
C LEU B 284 -10.52 -5.76 2.49
N SER B 285 -11.67 -5.12 2.67
CA SER B 285 -11.75 -3.68 2.42
C SER B 285 -11.14 -2.89 3.55
N ALA B 286 -10.72 -3.55 4.62
CA ALA B 286 -10.28 -2.90 5.86
C ALA B 286 -9.85 -3.99 6.82
N HIS B 287 -9.28 -3.56 7.94
CA HIS B 287 -8.91 -4.51 8.98
C HIS B 287 -10.11 -4.80 9.87
N THR B 288 -10.86 -3.77 10.24
CA THR B 288 -12.00 -3.89 11.13
C THR B 288 -13.11 -3.00 10.60
N VAL B 289 -14.35 -3.48 10.73
CA VAL B 289 -15.52 -2.69 10.38
C VAL B 289 -16.43 -2.61 11.59
N TRP B 290 -17.35 -1.65 11.54
CA TRP B 290 -18.35 -1.50 12.56
C TRP B 290 -19.70 -1.30 11.89
N ILE B 291 -20.74 -1.29 12.70
CA ILE B 291 -22.12 -1.24 12.23
C ILE B 291 -22.84 -0.15 13.00
N GLY B 292 -23.49 0.74 12.27
CA GLY B 292 -23.97 1.97 12.84
C GLY B 292 -25.31 1.85 13.53
N GLU B 293 -25.68 2.93 14.22
CA GLU B 293 -26.97 3.02 14.87
C GLU B 293 -28.11 2.74 13.88
N ARG B 294 -28.07 3.38 12.71
CA ARG B 294 -29.13 3.25 11.72
C ARG B 294 -29.24 1.84 11.13
N THR B 295 -28.24 0.98 11.32
CA THR B 295 -28.11 -0.24 10.54
C THR B 295 -28.01 -1.52 11.37
N ARG B 296 -28.04 -1.43 12.70
CA ARG B 296 -27.79 -2.58 13.56
C ARG B 296 -29.03 -3.46 13.78
N GLN B 297 -30.02 -3.40 12.90
CA GLN B 297 -31.14 -4.33 12.98
C GLN B 297 -30.64 -5.75 13.20
N ILE B 298 -31.23 -6.42 14.19
CA ILE B 298 -30.61 -7.61 14.78
C ILE B 298 -30.77 -8.84 13.89
N ASP B 299 -31.91 -8.99 13.22
CA ASP B 299 -32.05 -9.98 12.16
C ASP B 299 -31.89 -9.36 10.78
N GLY B 300 -31.38 -8.12 10.70
CA GLY B 300 -31.05 -7.50 9.45
C GLY B 300 -29.75 -8.02 8.86
N ALA B 301 -29.40 -7.49 7.68
CA ALA B 301 -28.33 -8.07 6.89
C ALA B 301 -26.94 -7.65 7.36
N HIS B 302 -26.81 -6.46 7.95
CA HIS B 302 -25.51 -6.04 8.43
C HIS B 302 -25.02 -6.96 9.56
N ILE B 303 -25.86 -7.16 10.57
CA ILE B 303 -25.49 -8.03 11.69
C ILE B 303 -25.19 -9.44 11.19
N ALA B 304 -26.01 -9.96 10.27
CA ALA B 304 -25.78 -11.31 9.76
C ALA B 304 -24.49 -11.39 8.96
N PHE B 305 -24.17 -10.32 8.23
CA PHE B 305 -22.91 -10.25 7.50
C PHE B 305 -21.74 -10.28 8.45
N ALA B 306 -21.80 -9.47 9.52
CA ALA B 306 -20.77 -9.49 10.56
C ALA B 306 -20.59 -10.90 11.10
N GLN B 307 -21.67 -11.65 11.28
CA GLN B 307 -21.56 -12.99 11.83
C GLN B 307 -20.74 -13.91 10.94
N VAL B 308 -20.57 -13.56 9.67
CA VAL B 308 -19.97 -14.48 8.70
C VAL B 308 -18.49 -14.19 8.53
N ILE B 309 -18.10 -12.92 8.71
CA ILE B 309 -16.73 -12.48 8.49
C ILE B 309 -15.92 -12.67 9.76
N ALA B 310 -14.59 -12.79 9.59
CA ALA B 310 -13.67 -13.01 10.70
C ALA B 310 -13.07 -11.73 11.27
N ASN B 311 -13.30 -10.58 10.62
CA ASN B 311 -12.73 -9.33 11.09
C ASN B 311 -13.26 -9.00 12.48
N PRO B 312 -12.48 -8.33 13.32
CA PRO B 312 -13.07 -7.67 14.48
C PRO B 312 -14.18 -6.75 14.02
N VAL B 313 -15.23 -6.65 14.82
CA VAL B 313 -16.40 -5.87 14.46
C VAL B 313 -16.80 -5.00 15.65
N GLY B 314 -17.33 -3.82 15.35
CA GLY B 314 -17.91 -2.97 16.35
C GLY B 314 -19.39 -2.75 16.11
N VAL B 315 -20.13 -2.50 17.18
CA VAL B 315 -21.53 -2.12 17.11
C VAL B 315 -21.71 -0.79 17.84
N LYS B 316 -22.34 0.17 17.17
CA LYS B 316 -22.75 1.39 17.84
C LYS B 316 -23.98 1.12 18.69
N LEU B 317 -23.96 1.64 19.92
CA LEU B 317 -25.08 1.52 20.86
C LEU B 317 -25.53 2.91 21.27
N GLY B 318 -26.77 3.26 20.93
CA GLY B 318 -27.30 4.57 21.24
C GLY B 318 -28.14 4.58 22.51
N PRO B 319 -28.77 5.73 22.79
CA PRO B 319 -29.52 5.86 24.05
C PRO B 319 -30.79 5.02 24.11
N ASN B 320 -31.32 4.55 22.99
CA ASN B 320 -32.45 3.61 23.05
C ASN B 320 -32.01 2.19 23.29
N MET B 321 -30.73 1.96 23.58
CA MET B 321 -30.21 0.62 23.80
C MET B 321 -30.64 0.10 25.16
N THR B 322 -30.87 -1.21 25.24
CA THR B 322 -31.29 -1.88 26.45
C THR B 322 -30.30 -2.97 26.82
N PRO B 323 -30.07 -3.20 28.12
CA PRO B 323 -29.13 -4.27 28.51
C PRO B 323 -29.36 -5.58 27.77
N GLU B 324 -30.62 -6.05 27.75
CA GLU B 324 -30.92 -7.36 27.19
C GLU B 324 -30.55 -7.41 25.71
N LEU B 325 -30.86 -6.33 24.98
CA LEU B 325 -30.53 -6.26 23.55
C LEU B 325 -29.03 -6.37 23.34
N ALA B 326 -28.28 -5.41 23.88
CA ALA B 326 -26.82 -5.48 23.97
C ALA B 326 -26.32 -6.91 24.16
N VAL B 327 -26.89 -7.64 25.11
CA VAL B 327 -26.45 -9.02 25.29
C VAL B 327 -26.75 -9.85 24.06
N GLU B 328 -27.87 -9.57 23.37
CA GLU B 328 -28.14 -10.34 22.15
C GLU B 328 -27.07 -10.06 21.09
N TYR B 329 -26.66 -8.81 20.95
CA TYR B 329 -25.53 -8.49 20.06
C TYR B 329 -24.30 -9.30 20.46
N VAL B 330 -23.93 -9.26 21.74
CA VAL B 330 -22.73 -9.98 22.18
C VAL B 330 -22.82 -11.45 21.82
N GLU B 331 -24.00 -12.06 22.03
CA GLU B 331 -24.10 -13.50 21.79
C GLU B 331 -24.03 -13.83 20.30
N ARG B 332 -24.61 -12.98 19.45
CA ARG B 332 -24.58 -13.28 18.01
C ARG B 332 -23.21 -13.02 17.40
N LEU B 333 -22.53 -11.97 17.87
CA LEU B 333 -21.28 -11.56 17.26
C LEU B 333 -20.06 -12.18 17.92
N ASP B 334 -20.18 -12.61 19.17
CA ASP B 334 -19.08 -13.23 19.91
C ASP B 334 -19.53 -14.61 20.38
N PRO B 335 -19.99 -15.47 19.46
CA PRO B 335 -20.49 -16.78 19.88
C PRO B 335 -19.43 -17.69 20.46
N HIS B 336 -18.16 -17.50 20.09
CA HIS B 336 -17.09 -18.38 20.54
C HIS B 336 -16.30 -17.82 21.71
N ASN B 337 -16.76 -16.73 22.31
CA ASN B 337 -16.04 -16.03 23.38
C ASN B 337 -14.58 -15.84 23.00
N LYS B 338 -14.37 -15.07 21.93
CA LYS B 338 -13.05 -14.65 21.51
C LYS B 338 -12.85 -13.23 21.99
N PRO B 339 -12.08 -12.99 23.05
CA PRO B 339 -11.89 -11.61 23.52
C PRO B 339 -11.34 -10.74 22.41
N GLY B 340 -11.91 -9.53 22.30
CA GLY B 340 -11.46 -8.58 21.31
C GLY B 340 -12.22 -8.62 20.00
N ARG B 341 -12.94 -9.71 19.72
CA ARG B 341 -13.68 -9.83 18.48
C ARG B 341 -14.75 -8.75 18.36
N LEU B 342 -15.42 -8.43 19.47
CA LEU B 342 -16.54 -7.51 19.45
C LEU B 342 -16.24 -6.28 20.29
N THR B 343 -16.45 -5.11 19.70
CA THR B 343 -16.35 -3.83 20.39
C THR B 343 -17.74 -3.22 20.46
N LEU B 344 -18.19 -2.90 21.68
CA LEU B 344 -19.44 -2.15 21.85
C LEU B 344 -19.08 -0.70 22.07
N VAL B 345 -19.65 0.17 21.25
CA VAL B 345 -19.27 1.59 21.18
C VAL B 345 -20.45 2.40 21.71
N SER B 346 -20.32 2.96 22.90
CA SER B 346 -21.36 3.81 23.46
C SER B 346 -21.32 5.19 22.82
N ARG B 347 -22.52 5.76 22.55
CA ARG B 347 -22.63 7.14 22.05
C ARG B 347 -23.97 7.71 22.54
N MET B 348 -24.02 8.01 23.84
CA MET B 348 -25.25 8.44 24.51
C MET B 348 -25.42 9.96 24.53
N GLY B 349 -24.34 10.69 24.71
CA GLY B 349 -24.39 12.10 25.06
C GLY B 349 -24.05 12.30 26.53
N ASN B 350 -23.38 13.43 26.82
CA ASN B 350 -22.80 13.61 28.14
C ASN B 350 -23.88 13.66 29.21
N HIS B 351 -25.03 14.25 28.89
CA HIS B 351 -26.14 14.33 29.84
C HIS B 351 -26.79 12.98 30.12
N LYS B 352 -26.44 11.91 29.39
CA LYS B 352 -27.11 10.62 29.52
C LYS B 352 -26.19 9.43 29.79
N VAL B 353 -24.89 9.51 29.51
CA VAL B 353 -24.06 8.31 29.52
C VAL B 353 -23.99 7.72 30.93
N ARG B 354 -23.96 8.59 31.95
CA ARG B 354 -23.80 8.12 33.33
C ARG B 354 -25.02 7.32 33.80
N ASP B 355 -26.20 7.65 33.29
CA ASP B 355 -27.40 6.92 33.66
C ASP B 355 -27.61 5.67 32.81
N LEU B 356 -27.40 5.77 31.50
CA LEU B 356 -27.78 4.67 30.61
C LEU B 356 -26.73 3.57 30.52
N LEU B 357 -25.44 3.89 30.63
CA LEU B 357 -24.42 2.90 30.35
C LEU B 357 -24.26 1.85 31.47
N PRO B 358 -24.31 2.22 32.74
CA PRO B 358 -23.98 1.27 33.81
C PRO B 358 -24.77 -0.03 33.71
N PRO B 359 -26.10 0.03 33.61
CA PRO B 359 -26.87 -1.24 33.53
C PRO B 359 -26.47 -2.12 32.35
N ILE B 360 -26.23 -1.51 31.19
CA ILE B 360 -25.75 -2.28 30.04
C ILE B 360 -24.46 -2.99 30.38
N VAL B 361 -23.50 -2.27 30.96
CA VAL B 361 -22.21 -2.89 31.25
C VAL B 361 -22.38 -4.03 32.26
N GLU B 362 -23.22 -3.82 33.28
CA GLU B 362 -23.50 -4.89 34.23
C GLU B 362 -23.98 -6.16 33.50
N LYS B 363 -25.06 -6.03 32.72
CA LYS B 363 -25.61 -7.21 32.06
C LYS B 363 -24.60 -7.87 31.13
N VAL B 364 -23.73 -7.10 30.48
CA VAL B 364 -22.82 -7.70 29.50
C VAL B 364 -21.65 -8.38 30.19
N GLN B 365 -21.04 -7.71 31.17
CA GLN B 365 -19.95 -8.35 31.88
C GLN B 365 -20.43 -9.63 32.56
N ALA B 366 -21.71 -9.67 32.94
CA ALA B 366 -22.24 -10.87 33.61
C ALA B 366 -22.37 -12.07 32.70
N THR B 367 -22.02 -11.98 31.41
CA THR B 367 -22.14 -13.11 30.50
C THR B 367 -20.88 -13.96 30.42
N GLY B 368 -19.75 -13.47 30.94
CA GLY B 368 -18.48 -14.12 30.76
C GLY B 368 -17.75 -13.74 29.48
N HIS B 369 -18.33 -12.86 28.67
CA HIS B 369 -17.72 -12.41 27.42
C HIS B 369 -16.92 -11.14 27.65
N GLN B 370 -15.73 -11.07 27.06
CA GLN B 370 -14.83 -9.95 27.24
C GLN B 370 -14.92 -9.06 26.01
N VAL B 371 -15.68 -7.97 26.11
CA VAL B 371 -15.83 -7.05 24.99
C VAL B 371 -15.04 -5.79 25.30
N ILE B 372 -14.69 -5.08 24.23
CA ILE B 372 -14.02 -3.79 24.33
C ILE B 372 -15.09 -2.72 24.48
N TRP B 373 -15.04 -1.97 25.57
CA TRP B 373 -15.98 -0.87 25.81
C TRP B 373 -15.32 0.37 25.25
N GLN B 374 -15.77 0.77 24.06
CA GLN B 374 -15.27 1.95 23.38
C GLN B 374 -16.29 3.08 23.51
N CYS B 375 -15.77 4.31 23.58
CA CYS B 375 -16.60 5.49 23.81
C CYS B 375 -16.56 6.42 22.61
N ASP B 376 -17.73 6.70 22.03
CA ASP B 376 -17.88 7.68 20.97
C ASP B 376 -18.50 8.94 21.56
N PRO B 377 -17.71 9.96 21.92
CA PRO B 377 -18.26 11.18 22.50
C PRO B 377 -18.69 12.22 21.48
N MET B 378 -18.79 11.84 20.21
CA MET B 378 -19.07 12.76 19.12
C MET B 378 -20.53 12.74 18.70
N HIS B 379 -21.05 11.58 18.33
CA HIS B 379 -22.32 11.50 17.63
C HIS B 379 -23.54 11.71 18.53
N GLY B 380 -23.38 11.58 19.84
CA GLY B 380 -24.45 11.94 20.74
C GLY B 380 -24.48 13.40 21.13
N ASN B 381 -23.60 14.24 20.57
CA ASN B 381 -23.45 15.61 21.05
C ASN B 381 -23.55 16.63 19.92
N THR B 382 -24.11 16.26 18.77
CA THR B 382 -24.30 17.23 17.71
C THR B 382 -25.50 18.12 18.02
N HIS B 383 -25.49 19.32 17.43
CA HIS B 383 -26.58 20.28 17.57
C HIS B 383 -26.37 21.38 16.55
N GLU B 384 -27.44 22.14 16.30
CA GLU B 384 -27.44 23.15 15.23
C GLU B 384 -27.04 24.50 15.80
N SER B 385 -25.95 25.06 15.28
CA SER B 385 -25.51 26.38 15.70
C SER B 385 -26.60 27.41 15.44
N SER B 386 -26.49 28.55 16.12
CA SER B 386 -27.35 29.69 15.78
C SER B 386 -27.09 30.16 14.36
N THR B 387 -25.97 29.76 13.75
CA THR B 387 -25.56 30.22 12.43
C THR B 387 -25.88 29.21 11.32
N GLY B 388 -26.36 28.02 11.66
CA GLY B 388 -26.79 27.05 10.67
C GLY B 388 -25.85 25.90 10.42
N PHE B 389 -24.76 25.77 11.18
CA PHE B 389 -23.79 24.70 11.01
C PHE B 389 -24.09 23.56 11.98
N LYS B 390 -24.15 22.34 11.45
CA LYS B 390 -23.96 21.15 12.28
C LYS B 390 -22.68 21.32 13.08
N THR B 391 -22.80 21.35 14.41
CA THR B 391 -21.63 21.58 15.25
C THR B 391 -21.71 20.71 16.49
N ARG B 392 -20.56 20.59 17.16
CA ARG B 392 -20.44 19.89 18.43
C ARG B 392 -19.58 20.74 19.34
N HIS B 393 -20.01 20.94 20.58
CA HIS B 393 -19.23 21.75 21.50
C HIS B 393 -18.19 20.87 22.19
N PHE B 394 -16.95 21.38 22.22
CA PHE B 394 -15.82 20.64 22.78
C PHE B 394 -16.12 20.16 24.20
N ASP B 395 -16.68 21.03 25.04
CA ASP B 395 -16.84 20.70 26.45
C ASP B 395 -17.79 19.51 26.63
N ARG B 396 -18.81 19.40 25.78
CA ARG B 396 -19.71 18.26 25.90
C ARG B 396 -19.00 16.97 25.49
N ILE B 397 -18.15 17.03 24.48
CA ILE B 397 -17.36 15.86 24.07
C ILE B 397 -16.51 15.38 25.24
N VAL B 398 -15.70 16.30 25.78
CA VAL B 398 -14.89 15.99 26.95
C VAL B 398 -15.76 15.40 28.04
N ASP B 399 -16.93 15.99 28.27
CA ASP B 399 -17.76 15.53 29.38
C ASP B 399 -18.26 14.11 29.16
N GLU B 400 -18.59 13.74 27.93
CA GLU B 400 -19.01 12.36 27.73
C GLU B 400 -17.86 11.39 28.00
N VAL B 401 -16.64 11.72 27.57
CA VAL B 401 -15.54 10.80 27.87
C VAL B 401 -15.33 10.71 29.38
N GLN B 402 -15.35 11.85 30.05
CA GLN B 402 -15.34 11.87 31.51
C GLN B 402 -16.36 10.89 32.10
N GLY B 403 -17.63 11.05 31.73
CA GLY B 403 -18.67 10.17 32.26
C GLY B 403 -18.39 8.71 32.00
N PHE B 404 -18.11 8.37 30.74
CA PHE B 404 -17.64 7.02 30.39
C PHE B 404 -16.65 6.48 31.42
N PHE B 405 -15.57 7.23 31.65
CA PHE B 405 -14.58 6.78 32.61
C PHE B 405 -15.19 6.59 34.00
N GLU B 406 -16.02 7.54 34.46
CA GLU B 406 -16.61 7.41 35.79
C GLU B 406 -17.39 6.10 35.92
N VAL B 407 -18.26 5.83 34.95
CA VAL B 407 -19.02 4.58 34.95
C VAL B 407 -18.08 3.39 35.10
N HIS B 408 -17.04 3.34 34.27
CA HIS B 408 -16.19 2.16 34.27
C HIS B 408 -15.40 2.04 35.57
N ARG B 409 -14.91 3.15 36.13
CA ARG B 409 -14.26 3.07 37.45
C ARG B 409 -15.24 2.52 38.48
N ALA B 410 -16.45 3.06 38.53
CA ALA B 410 -17.41 2.64 39.54
C ALA B 410 -17.73 1.15 39.44
N LEU B 411 -17.63 0.56 38.24
CA LEU B 411 -17.98 -0.84 38.10
C LEU B 411 -16.77 -1.77 38.09
N GLY B 412 -15.55 -1.24 38.10
CA GLY B 412 -14.38 -2.10 38.01
C GLY B 412 -14.16 -2.73 36.65
N THR B 413 -14.53 -2.03 35.58
CA THR B 413 -14.37 -2.52 34.24
C THR B 413 -13.44 -1.59 33.48
N HIS B 414 -13.00 -2.04 32.31
CA HIS B 414 -11.93 -1.38 31.59
C HIS B 414 -12.50 -0.36 30.61
N PRO B 415 -12.24 0.94 30.80
CA PRO B 415 -12.51 1.87 29.69
C PRO B 415 -11.62 1.53 28.52
N GLY B 416 -12.20 0.87 27.51
CA GLY B 416 -11.40 0.20 26.51
C GLY B 416 -10.72 1.13 25.52
N GLY B 417 -11.35 2.25 25.20
CA GLY B 417 -10.83 3.11 24.14
C GLY B 417 -11.78 4.25 23.83
N ILE B 418 -11.50 4.93 22.71
CA ILE B 418 -12.33 6.04 22.25
C ILE B 418 -12.35 6.08 20.73
N HIS B 419 -13.40 6.70 20.19
CA HIS B 419 -13.71 6.69 18.77
C HIS B 419 -14.13 8.13 18.44
N VAL B 420 -13.24 8.89 17.82
CA VAL B 420 -13.44 10.31 17.57
C VAL B 420 -13.37 10.58 16.07
N GLU B 421 -13.85 11.77 15.70
CA GLU B 421 -13.81 12.28 14.33
C GLU B 421 -12.91 13.51 14.33
N ILE B 422 -11.82 13.45 13.56
CA ILE B 422 -10.71 14.40 13.67
C ILE B 422 -10.11 14.60 12.29
N THR B 423 -9.31 15.66 12.15
CA THR B 423 -8.53 15.88 10.95
C THR B 423 -7.23 16.56 11.32
N GLY B 424 -6.25 16.46 10.42
CA GLY B 424 -5.00 17.19 10.59
C GLY B 424 -5.05 18.62 10.08
N GLU B 425 -6.05 18.94 9.25
CA GLU B 425 -6.26 20.31 8.80
C GLU B 425 -6.73 21.15 9.98
N ASN B 426 -6.52 22.46 9.89
CA ASN B 426 -6.91 23.38 10.96
C ASN B 426 -8.28 23.99 10.66
N VAL B 427 -9.28 23.12 10.53
CA VAL B 427 -10.64 23.53 10.22
C VAL B 427 -11.26 24.21 11.43
N THR B 428 -12.44 24.80 11.26
CA THR B 428 -13.24 25.38 12.34
C THR B 428 -14.63 24.75 12.24
N GLU B 429 -14.84 23.64 12.94
CA GLU B 429 -16.09 22.91 12.86
C GLU B 429 -16.68 22.55 14.21
N CYS B 430 -15.89 22.53 15.29
CA CYS B 430 -16.39 22.30 16.63
C CYS B 430 -16.14 23.54 17.48
N LEU B 431 -17.12 23.89 18.29
CA LEU B 431 -17.00 25.05 19.15
C LEU B 431 -16.10 24.74 20.33
N GLY B 432 -15.46 25.79 20.85
CA GLY B 432 -14.72 25.68 22.10
C GLY B 432 -13.29 25.23 21.93
N GLY B 433 -12.74 24.60 22.96
CA GLY B 433 -11.33 24.27 22.98
C GLY B 433 -10.50 25.51 23.25
N ALA B 434 -9.19 25.29 23.34
CA ALA B 434 -8.27 26.37 23.66
C ALA B 434 -8.31 27.53 22.65
N GLN B 435 -8.90 27.32 21.47
CA GLN B 435 -9.00 28.36 20.46
C GLN B 435 -10.25 29.22 20.58
N ASP B 436 -11.12 28.93 21.55
CA ASP B 436 -12.39 29.65 21.72
C ASP B 436 -13.04 29.91 20.37
N ILE B 437 -13.34 28.82 19.66
CA ILE B 437 -13.93 28.90 18.34
C ILE B 437 -15.42 29.18 18.51
N SER B 438 -15.86 30.35 18.05
CA SER B 438 -17.23 30.82 18.22
C SER B 438 -18.12 30.40 17.06
N GLU B 439 -19.42 30.60 17.23
CA GLU B 439 -20.36 30.36 16.14
C GLU B 439 -20.04 31.25 14.94
N THR B 440 -19.54 32.46 15.18
CA THR B 440 -19.14 33.33 14.08
C THR B 440 -17.90 32.79 13.38
N ASP B 441 -16.98 32.19 14.14
CA ASP B 441 -15.74 31.65 13.57
C ASP B 441 -15.98 30.42 12.69
N LEU B 442 -17.11 29.73 12.87
CA LEU B 442 -17.34 28.48 12.15
C LEU B 442 -17.33 28.67 10.64
N ALA B 443 -17.62 29.87 10.15
CA ALA B 443 -17.72 30.09 8.70
C ALA B 443 -16.36 30.05 8.02
N GLY B 444 -15.28 30.32 8.75
CA GLY B 444 -13.96 30.43 8.15
C GLY B 444 -13.53 29.21 7.35
N ARG B 445 -13.38 28.07 8.01
CA ARG B 445 -12.90 26.86 7.37
C ARG B 445 -13.75 25.67 7.82
N TYR B 446 -15.05 25.72 7.52
CA TYR B 446 -15.95 24.60 7.75
C TYR B 446 -15.92 23.71 6.51
N GLU B 447 -15.11 22.65 6.55
CA GLU B 447 -14.74 21.92 5.35
C GLU B 447 -15.20 20.47 5.35
N THR B 448 -15.91 20.05 6.39
CA THR B 448 -16.33 18.65 6.47
C THR B 448 -17.41 18.36 5.44
N ALA B 449 -17.41 17.12 4.96
CA ALA B 449 -18.43 16.63 4.03
C ALA B 449 -19.60 15.97 4.76
N CYS B 450 -19.61 16.00 6.09
CA CYS B 450 -20.77 15.56 6.86
C CYS B 450 -20.66 16.11 8.28
N ASP B 451 -20.21 15.29 9.24
CA ASP B 451 -20.24 15.71 10.62
C ASP B 451 -19.04 16.60 10.95
N PRO B 452 -19.17 17.49 11.94
CA PRO B 452 -18.06 18.37 12.29
C PRO B 452 -16.97 17.63 13.02
N ARG B 453 -15.73 18.03 12.79
CA ARG B 453 -14.56 17.34 13.30
C ARG B 453 -13.79 18.22 14.26
N LEU B 454 -13.22 17.60 15.28
CA LEU B 454 -12.17 18.26 16.04
C LEU B 454 -10.99 18.50 15.12
N ASN B 455 -10.49 19.73 15.11
CA ASN B 455 -9.35 20.05 14.26
C ASN B 455 -8.10 19.48 14.91
N THR B 456 -6.93 19.83 14.38
CA THR B 456 -5.68 19.27 14.90
C THR B 456 -5.48 19.64 16.37
N GLN B 457 -5.64 20.93 16.70
CA GLN B 457 -5.39 21.39 18.06
C GLN B 457 -6.39 20.83 19.05
N GLN B 458 -7.66 20.73 18.65
CA GLN B 458 -8.66 20.22 19.59
C GLN B 458 -8.51 18.72 19.80
N SER B 459 -8.19 17.97 18.74
CA SER B 459 -7.96 16.55 18.93
C SER B 459 -6.77 16.30 19.85
N LEU B 460 -5.72 17.12 19.75
CA LEU B 460 -4.59 16.91 20.65
C LEU B 460 -4.94 17.32 22.09
N GLU B 461 -5.64 18.43 22.25
CA GLU B 461 -6.05 18.84 23.59
C GLU B 461 -6.94 17.77 24.23
N LEU B 462 -7.89 17.22 23.47
CA LEU B 462 -8.69 16.11 23.96
C LEU B 462 -7.81 14.93 24.35
N ALA B 463 -6.75 14.68 23.58
CA ALA B 463 -5.82 13.61 23.93
C ALA B 463 -5.23 13.82 25.33
N PHE B 464 -4.74 15.04 25.60
CA PHE B 464 -4.21 15.33 26.93
C PHE B 464 -5.25 15.11 28.02
N LEU B 465 -6.46 15.63 27.81
CA LEU B 465 -7.49 15.52 28.85
C LEU B 465 -7.83 14.06 29.15
N VAL B 466 -8.08 13.27 28.11
CA VAL B 466 -8.36 11.85 28.34
C VAL B 466 -7.18 11.18 28.99
N ALA B 467 -5.96 11.63 28.69
CA ALA B 467 -4.79 11.03 29.34
C ALA B 467 -4.81 11.30 30.83
N GLU B 468 -5.28 12.47 31.23
CA GLU B 468 -5.43 12.72 32.66
C GLU B 468 -6.51 11.82 33.26
N MET B 469 -7.63 11.60 32.56
CA MET B 469 -8.61 10.64 33.06
C MET B 469 -7.98 9.28 33.27
N LEU B 470 -7.20 8.81 32.29
CA LEU B 470 -6.52 7.54 32.41
C LEU B 470 -5.62 7.50 33.65
N ARG B 471 -4.93 8.61 33.94
CA ARG B 471 -4.03 8.59 35.10
C ARG B 471 -4.83 8.55 36.41
N ASP B 472 -5.82 9.42 36.55
CA ASP B 472 -6.62 9.51 37.78
C ASP B 472 -5.72 9.65 39.01
#